data_7ZF9
#
_entry.id   7ZF9
#
_cell.length_a   89.967
_cell.length_b   83.885
_cell.length_c   110.704
_cell.angle_alpha   90.000
_cell.angle_beta   101.971
_cell.angle_gamma   90.000
#
_symmetry.space_group_name_H-M   'P 1 21 1'
#
loop_
_entity.id
_entity.type
_entity.pdbx_description
1 polymer 'COVOX-150 heavy chain'
2 polymer 'COVOX-150 light chain'
3 polymer 'Spike protein S1'
4 non-polymer 2-acetamido-2-deoxy-beta-D-glucopyranose
#
loop_
_entity_poly.entity_id
_entity_poly.type
_entity_poly.pdbx_seq_one_letter_code
_entity_poly.pdbx_strand_id
1 'polypeptide(L)'
;QVQLVESGGGLIQPGGSLRLSCAASGVTVSSNYMSWVRQAPGKGLEWVSIIYSGGTTYYADSVKGRFTISRDSSMNTLYL
QMNSLRAEDTAVYYCARDLMVYGIDVWGQGTTVTVSSASTKGPSVFPLAPSSKSTSGGTAALGCLVKDYFPEPVTVSWNS
GALTSGVHTFPAVLQSSGLYSLSSVVTVPSSSLGTQTYICNVNHKPSNTKVDKKVEPKSCDK
;
H,A
2 'polypeptide(L)'
;EIVMTQSPSSLSASVGDRVTITCRASQGISSYLAWYQQKPGKAPKLLIYAASTLQSGVPSRFSGSGSGTDFTLTISSLQP
EDFATYYCQQLDSYPPGYTFGQGTKVDIKRTVAAPSVFIFPPSDEQLKSGTASVVCLLNNFYPREAKVQWKVDNALQSGN
SQESVTEQDSKDSTYSLSSTLTLSKADYEKHKVYACEVTHQGLSSPVTKSFNRGEC
;
L,B
3 'polypeptide(L)'
;HHHHHHTNLCPFDEVFNATRFASVYAWNRKRISNCVADYSVLYNFAPFFAFKCYGVSPTKLNDLCFTNVYADSFVIRGNE
VSQIAPGQTGNIADYNYKLPDDFTGCVIAWNSNKLDSKVGGNYNYLYRLFRKSNLKPFERDISTEIYQAGNKPCNGVAGF
NCYFPLRSYGFRPTYGVGHQPYRVVVLSFELLHAPATVCGKK
;
E,C
#
# COMPACT_ATOMS: atom_id res chain seq x y z
N GLN A 1 -24.88 -28.63 2.64
CA GLN A 1 -23.46 -28.31 2.66
C GLN A 1 -23.23 -26.84 3.00
N VAL A 2 -22.95 -26.57 4.26
CA VAL A 2 -22.61 -25.23 4.72
C VAL A 2 -21.10 -25.20 4.97
N GLN A 3 -20.38 -24.43 4.15
CA GLN A 3 -18.93 -24.39 4.23
C GLN A 3 -18.41 -23.16 3.51
N LEU A 4 -17.23 -22.71 3.93
CA LEU A 4 -16.50 -21.64 3.27
C LEU A 4 -15.17 -22.20 2.78
N VAL A 5 -14.83 -21.91 1.53
CA VAL A 5 -13.63 -22.44 0.89
C VAL A 5 -12.76 -21.26 0.47
N GLU A 6 -11.60 -21.13 1.10
CA GLU A 6 -10.66 -20.06 0.77
C GLU A 6 -9.70 -20.51 -0.33
N SER A 7 -9.19 -19.52 -1.05
CA SER A 7 -8.15 -19.76 -2.06
C SER A 7 -7.48 -18.42 -2.37
N GLY A 8 -6.39 -18.49 -3.12
CA GLY A 8 -5.68 -17.30 -3.56
C GLY A 8 -4.42 -16.99 -2.79
N GLY A 9 -4.22 -17.61 -1.64
CA GLY A 9 -3.01 -17.38 -0.88
C GLY A 9 -1.79 -17.99 -1.54
N GLY A 10 -0.62 -17.60 -1.05
CA GLY A 10 0.62 -18.11 -1.60
C GLY A 10 1.79 -17.22 -1.21
N LEU A 11 2.89 -17.37 -1.94
CA LEU A 11 4.11 -16.63 -1.71
C LEU A 11 4.19 -15.42 -2.63
N ILE A 12 4.58 -14.28 -2.05
CA ILE A 12 4.67 -13.04 -2.80
C ILE A 12 5.68 -12.13 -2.11
N GLN A 13 6.42 -11.37 -2.90
CA GLN A 13 7.41 -10.45 -2.35
C GLN A 13 6.73 -9.19 -1.83
N PRO A 14 7.35 -8.49 -0.86
CA PRO A 14 6.72 -7.30 -0.29
C PRO A 14 6.40 -6.26 -1.36
N GLY A 15 5.27 -5.59 -1.16
CA GLY A 15 4.76 -4.64 -2.12
C GLY A 15 3.88 -5.24 -3.20
N GLY A 16 3.92 -6.55 -3.39
CA GLY A 16 3.08 -7.21 -4.37
C GLY A 16 1.62 -7.18 -3.99
N SER A 17 0.81 -7.76 -4.89
CA SER A 17 -0.64 -7.79 -4.73
C SER A 17 -1.13 -9.23 -4.76
N LEU A 18 -2.22 -9.48 -4.03
CA LEU A 18 -2.75 -10.82 -3.88
C LEU A 18 -4.24 -10.72 -3.57
N ARG A 19 -5.03 -11.58 -4.21
CA ARG A 19 -6.49 -11.56 -4.08
C ARG A 19 -6.95 -12.90 -3.53
N LEU A 20 -7.58 -12.87 -2.35
CA LEU A 20 -8.12 -14.06 -1.73
C LEU A 20 -9.59 -14.21 -2.08
N SER A 21 -10.02 -15.45 -2.30
CA SER A 21 -11.40 -15.77 -2.63
C SER A 21 -12.00 -16.64 -1.53
N CYS A 22 -13.32 -16.54 -1.37
CA CYS A 22 -14.03 -17.27 -0.32
C CYS A 22 -15.35 -17.76 -0.92
N ALA A 23 -15.35 -18.99 -1.45
CA ALA A 23 -16.53 -19.54 -2.10
C ALA A 23 -17.44 -20.15 -1.05
N ALA A 24 -18.69 -19.67 -1.01
CA ALA A 24 -19.65 -20.08 0.00
C ALA A 24 -20.78 -20.92 -0.61
N SER A 25 -21.28 -21.86 0.18
CA SER A 25 -22.48 -22.61 -0.16
C SER A 25 -23.29 -22.80 1.11
N GLY A 26 -24.59 -22.51 1.03
CA GLY A 26 -25.42 -22.54 2.21
C GLY A 26 -25.68 -21.16 2.77
N VAL A 27 -24.61 -20.43 3.06
CA VAL A 27 -24.69 -19.06 3.54
C VAL A 27 -24.58 -18.10 2.36
N THR A 28 -25.43 -17.08 2.33
CA THR A 28 -25.41 -16.07 1.28
C THR A 28 -24.53 -14.91 1.73
N VAL A 29 -23.51 -14.59 0.93
CA VAL A 29 -22.56 -13.55 1.32
C VAL A 29 -23.22 -12.18 1.32
N SER A 30 -24.04 -11.89 0.31
CA SER A 30 -24.68 -10.59 0.19
C SER A 30 -25.75 -10.36 1.25
N SER A 31 -26.05 -11.34 2.09
CA SER A 31 -27.06 -11.22 3.12
C SER A 31 -26.51 -11.25 4.53
N ASN A 32 -25.20 -11.37 4.71
CA ASN A 32 -24.60 -11.60 6.01
C ASN A 32 -23.47 -10.62 6.28
N TYR A 33 -23.12 -10.49 7.56
CA TYR A 33 -21.88 -9.85 7.96
C TYR A 33 -20.75 -10.83 7.69
N MET A 34 -19.89 -10.51 6.73
CA MET A 34 -18.77 -11.37 6.37
C MET A 34 -17.47 -10.68 6.80
N SER A 35 -16.62 -11.44 7.49
CA SER A 35 -15.41 -10.89 8.08
C SER A 35 -14.19 -11.70 7.63
N TRP A 36 -13.05 -11.03 7.61
CA TRP A 36 -11.76 -11.66 7.39
C TRP A 36 -10.97 -11.60 8.69
N VAL A 37 -10.51 -12.75 9.17
CA VAL A 37 -9.68 -12.83 10.37
C VAL A 37 -8.41 -13.59 10.01
N ARG A 38 -7.27 -13.07 10.44
CA ARG A 38 -5.98 -13.66 10.16
C ARG A 38 -5.26 -14.01 11.46
N GLN A 39 -4.32 -14.95 11.35
CA GLN A 39 -3.57 -15.43 12.51
C GLN A 39 -2.14 -15.71 12.07
N ALA A 40 -1.21 -14.88 12.56
CA ALA A 40 0.20 -15.08 12.28
C ALA A 40 0.70 -16.38 12.92
N PRO A 41 1.82 -16.91 12.44
CA PRO A 41 2.37 -18.13 13.05
C PRO A 41 2.68 -17.93 14.53
N GLY A 42 2.01 -18.72 15.37
CA GLY A 42 2.25 -18.70 16.79
C GLY A 42 1.65 -17.54 17.55
N LYS A 43 0.86 -16.70 16.90
CA LYS A 43 0.19 -15.57 17.53
C LYS A 43 -1.31 -15.78 17.57
N GLY A 44 -2.02 -14.80 18.13
CA GLY A 44 -3.45 -14.89 18.27
C GLY A 44 -4.21 -14.44 17.04
N LEU A 45 -5.54 -14.43 17.18
CA LEU A 45 -6.41 -14.02 16.09
C LEU A 45 -6.48 -12.49 15.98
N GLU A 46 -6.60 -12.01 14.75
CA GLU A 46 -6.66 -10.57 14.49
C GLU A 46 -7.73 -10.31 13.43
N TRP A 47 -8.72 -9.50 13.77
CA TRP A 47 -9.74 -9.12 12.80
C TRP A 47 -9.16 -8.15 11.78
N VAL A 48 -9.55 -8.34 10.51
CA VAL A 48 -9.03 -7.55 9.40
C VAL A 48 -10.10 -6.62 8.82
N SER A 49 -11.13 -7.18 8.23
CA SER A 49 -12.14 -6.39 7.55
C SER A 49 -13.50 -7.04 7.73
N ILE A 50 -14.55 -6.24 7.50
CA ILE A 50 -15.93 -6.72 7.54
C ILE A 50 -16.71 -5.98 6.45
N ILE A 51 -17.70 -6.67 5.88
CA ILE A 51 -18.60 -6.09 4.90
C ILE A 51 -20.03 -6.36 5.34
N TYR A 52 -20.78 -5.29 5.57
CA TYR A 52 -22.18 -5.44 5.98
C TYR A 52 -23.02 -5.93 4.80
N SER A 53 -24.18 -6.50 5.14
CA SER A 53 -25.14 -6.87 4.11
C SER A 53 -25.63 -5.66 3.35
N GLY A 54 -25.67 -4.49 4.00
CA GLY A 54 -26.04 -3.25 3.35
C GLY A 54 -24.94 -2.58 2.56
N GLY A 55 -23.72 -3.09 2.61
CA GLY A 55 -22.60 -2.57 1.84
C GLY A 55 -21.56 -1.83 2.65
N THR A 56 -21.84 -1.47 3.89
CA THR A 56 -20.86 -0.78 4.72
C THR A 56 -19.66 -1.69 4.99
N THR A 57 -18.46 -1.17 4.78
CA THR A 57 -17.23 -1.90 5.03
C THR A 57 -16.44 -1.21 6.12
N TYR A 58 -15.61 -2.00 6.81
CA TYR A 58 -14.80 -1.51 7.92
C TYR A 58 -13.49 -2.28 7.92
N TYR A 59 -12.38 -1.57 8.09
CA TYR A 59 -11.05 -2.16 8.01
C TYR A 59 -10.26 -1.82 9.26
N ALA A 60 -9.33 -2.70 9.62
CA ALA A 60 -8.42 -2.43 10.71
C ALA A 60 -7.45 -1.31 10.32
N ASP A 61 -6.94 -0.62 11.35
CA ASP A 61 -6.03 0.50 11.12
C ASP A 61 -4.78 0.07 10.37
N SER A 62 -4.29 -1.14 10.63
CA SER A 62 -3.03 -1.58 10.03
C SER A 62 -3.17 -1.89 8.55
N VAL A 63 -4.39 -2.12 8.06
CA VAL A 63 -4.62 -2.47 6.67
C VAL A 63 -5.47 -1.43 5.96
N LYS A 64 -5.80 -0.32 6.62
CA LYS A 64 -6.50 0.77 5.95
C LYS A 64 -5.64 1.34 4.83
N GLY A 65 -6.28 1.56 3.67
CA GLY A 65 -5.58 2.06 2.51
C GLY A 65 -4.82 1.04 1.71
N ARG A 66 -4.79 -0.21 2.15
CA ARG A 66 -4.11 -1.28 1.43
C ARG A 66 -5.05 -2.42 1.03
N PHE A 67 -5.98 -2.81 1.90
CA PHE A 67 -6.89 -3.91 1.63
C PHE A 67 -8.26 -3.37 1.20
N THR A 68 -8.94 -4.15 0.36
CA THR A 68 -10.29 -3.81 -0.10
C THR A 68 -11.13 -5.08 -0.09
N ILE A 69 -12.12 -5.14 0.79
CA ILE A 69 -13.04 -6.26 0.84
C ILE A 69 -14.15 -6.04 -0.17
N SER A 70 -14.63 -7.12 -0.77
CA SER A 70 -15.67 -7.03 -1.79
C SER A 70 -16.36 -8.39 -1.88
N ARG A 71 -17.42 -8.43 -2.69
CA ARG A 71 -18.17 -9.67 -2.89
C ARG A 71 -18.82 -9.65 -4.27
N ASP A 72 -19.04 -10.84 -4.80
CA ASP A 72 -19.76 -11.04 -6.06
C ASP A 72 -21.01 -11.85 -5.72
N SER A 73 -22.16 -11.18 -5.69
CA SER A 73 -23.40 -11.85 -5.28
C SER A 73 -23.77 -12.99 -6.23
N SER A 74 -23.45 -12.85 -7.51
CA SER A 74 -23.76 -13.91 -8.46
C SER A 74 -22.88 -15.12 -8.23
N MET A 75 -21.63 -14.92 -7.80
CA MET A 75 -20.73 -16.01 -7.50
C MET A 75 -20.91 -16.55 -6.10
N ASN A 76 -21.61 -15.83 -5.23
CA ASN A 76 -21.70 -16.12 -3.80
C ASN A 76 -20.29 -16.32 -3.23
N THR A 77 -19.47 -15.29 -3.43
CA THR A 77 -18.06 -15.35 -3.08
C THR A 77 -17.64 -14.04 -2.42
N LEU A 78 -16.85 -14.15 -1.36
CA LEU A 78 -16.26 -13.00 -0.69
C LEU A 78 -14.81 -12.85 -1.14
N TYR A 79 -14.39 -11.60 -1.32
CA TYR A 79 -13.05 -11.31 -1.82
C TYR A 79 -12.33 -10.38 -0.86
N LEU A 80 -11.00 -10.50 -0.83
CA LEU A 80 -10.14 -9.59 -0.08
C LEU A 80 -8.95 -9.25 -0.96
N GLN A 81 -8.96 -8.04 -1.53
CA GLN A 81 -7.87 -7.58 -2.37
C GLN A 81 -6.80 -6.95 -1.49
N MET A 82 -5.62 -7.56 -1.45
CA MET A 82 -4.55 -7.16 -0.55
C MET A 82 -3.41 -6.56 -1.37
N ASN A 83 -3.26 -5.24 -1.31
CA ASN A 83 -2.20 -4.53 -1.99
C ASN A 83 -1.17 -4.06 -0.98
N SER A 84 0.01 -3.70 -1.49
CA SER A 84 1.10 -3.19 -0.67
C SER A 84 1.42 -4.13 0.49
N LEU A 85 1.50 -5.42 0.18
CA LEU A 85 1.70 -6.44 1.19
C LEU A 85 3.02 -6.24 1.92
N ARG A 86 3.02 -6.53 3.22
CA ARG A 86 4.20 -6.41 4.06
C ARG A 86 4.47 -7.75 4.73
N ALA A 87 5.66 -7.85 5.33
CA ALA A 87 6.03 -9.08 6.02
C ALA A 87 5.05 -9.40 7.15
N GLU A 88 4.59 -8.37 7.87
CA GLU A 88 3.68 -8.59 8.98
C GLU A 88 2.29 -9.01 8.53
N ASP A 89 2.02 -9.04 7.22
CA ASP A 89 0.77 -9.60 6.72
C ASP A 89 0.82 -11.11 6.58
N THR A 90 1.99 -11.72 6.80
CA THR A 90 2.09 -13.18 6.74
C THR A 90 1.26 -13.81 7.83
N ALA A 91 0.22 -14.56 7.42
CA ALA A 91 -0.71 -15.18 8.35
C ALA A 91 -1.61 -16.12 7.56
N VAL A 92 -2.31 -16.98 8.28
CA VAL A 92 -3.41 -17.74 7.70
C VAL A 92 -4.66 -16.89 7.73
N TYR A 93 -5.32 -16.75 6.58
CA TYR A 93 -6.43 -15.82 6.42
C TYR A 93 -7.74 -16.60 6.35
N TYR A 94 -8.60 -16.39 7.34
CA TYR A 94 -9.91 -17.01 7.39
C TYR A 94 -10.97 -16.03 6.93
N CYS A 95 -11.90 -16.51 6.11
CA CYS A 95 -13.15 -15.82 5.88
C CYS A 95 -14.21 -16.46 6.75
N ALA A 96 -15.14 -15.63 7.25
CA ALA A 96 -16.09 -16.12 8.22
C ALA A 96 -17.38 -15.32 8.14
N ARG A 97 -18.47 -15.96 8.54
CA ARG A 97 -19.77 -15.32 8.61
C ARG A 97 -19.98 -14.82 10.03
N ASP A 98 -20.09 -13.50 10.19
CA ASP A 98 -20.21 -12.89 11.50
C ASP A 98 -21.68 -12.69 11.83
N LEU A 99 -22.04 -13.04 13.07
CA LEU A 99 -23.40 -12.86 13.57
C LEU A 99 -23.46 -11.81 14.67
N MET A 100 -22.49 -10.89 14.70
CA MET A 100 -22.43 -9.80 15.67
C MET A 100 -22.55 -10.31 17.10
N VAL A 101 -23.73 -10.14 17.69
CA VAL A 101 -23.95 -10.53 19.08
C VAL A 101 -24.02 -12.04 19.24
N TYR A 102 -24.29 -12.77 18.15
CA TYR A 102 -24.36 -14.23 18.20
C TYR A 102 -23.03 -14.89 17.85
N GLY A 103 -21.94 -14.13 17.90
CA GLY A 103 -20.63 -14.69 17.65
C GLY A 103 -20.32 -14.82 16.18
N ILE A 104 -19.26 -15.57 15.90
CA ILE A 104 -18.84 -15.91 14.54
C ILE A 104 -18.95 -17.43 14.42
N ASP A 105 -19.95 -17.90 13.69
CA ASP A 105 -20.29 -19.32 13.71
C ASP A 105 -19.63 -20.12 12.60
N VAL A 106 -19.52 -19.56 11.40
CA VAL A 106 -19.04 -20.29 10.23
C VAL A 106 -17.63 -19.79 9.90
N TRP A 107 -16.66 -20.70 9.92
CA TRP A 107 -15.28 -20.39 9.58
C TRP A 107 -14.83 -21.23 8.39
N GLY A 108 -13.98 -20.64 7.55
CA GLY A 108 -13.34 -21.38 6.49
C GLY A 108 -12.11 -22.11 6.96
N GLN A 109 -11.57 -22.96 6.08
CA GLN A 109 -10.40 -23.74 6.43
C GLN A 109 -9.13 -22.90 6.49
N GLY A 110 -9.12 -21.75 5.82
CA GLY A 110 -7.97 -20.87 5.85
C GLY A 110 -7.02 -21.05 4.69
N THR A 111 -6.47 -19.95 4.19
CA THR A 111 -5.46 -19.96 3.15
C THR A 111 -4.21 -19.25 3.65
N THR A 112 -3.05 -19.77 3.28
CA THR A 112 -1.78 -19.31 3.83
C THR A 112 -1.15 -18.25 2.91
N VAL A 113 -0.81 -17.11 3.49
CA VAL A 113 -0.14 -16.02 2.77
C VAL A 113 1.21 -15.80 3.42
N THR A 114 2.27 -15.82 2.60
CA THR A 114 3.64 -15.61 3.08
C THR A 114 4.25 -14.47 2.27
N VAL A 115 4.64 -13.41 2.95
CA VAL A 115 5.24 -12.23 2.33
C VAL A 115 6.67 -12.13 2.80
N SER A 116 7.61 -12.31 1.88
CA SER A 116 9.03 -12.28 2.21
C SER A 116 9.80 -11.90 0.94
N SER A 117 10.91 -11.19 1.14
CA SER A 117 11.78 -10.82 0.03
C SER A 117 12.81 -11.89 -0.27
N ALA A 118 12.54 -13.13 0.15
CA ALA A 118 13.48 -14.23 0.00
C ALA A 118 13.14 -15.08 -1.22
N SER A 119 14.17 -15.65 -1.82
CA SER A 119 14.03 -16.56 -2.95
C SER A 119 14.01 -18.00 -2.47
N THR A 120 13.57 -18.89 -3.36
CA THR A 120 13.56 -20.32 -3.05
C THR A 120 15.00 -20.83 -2.96
N LYS A 121 15.34 -21.43 -1.82
CA LYS A 121 16.69 -21.92 -1.58
C LYS A 121 16.63 -23.25 -0.84
N GLY A 122 17.48 -24.18 -1.26
CA GLY A 122 17.61 -25.46 -0.60
C GLY A 122 18.40 -25.36 0.68
N PRO A 123 18.09 -26.21 1.65
CA PRO A 123 18.73 -26.11 2.96
C PRO A 123 20.07 -26.81 3.01
N SER A 124 20.94 -26.30 3.88
CA SER A 124 22.16 -26.99 4.25
C SER A 124 21.87 -27.88 5.45
N VAL A 125 22.34 -29.13 5.39
CA VAL A 125 22.09 -30.12 6.43
C VAL A 125 23.42 -30.41 7.12
N PHE A 126 23.49 -30.08 8.42
CA PHE A 126 24.70 -30.30 9.20
C PHE A 126 24.44 -31.31 10.30
N PRO A 127 25.41 -32.16 10.61
CA PRO A 127 25.21 -33.18 11.64
C PRO A 127 25.41 -32.63 13.04
N LEU A 128 24.53 -33.06 13.95
CA LEU A 128 24.65 -32.77 15.38
C LEU A 128 25.20 -34.05 16.02
N ALA A 129 26.53 -34.11 16.15
CA ALA A 129 27.17 -35.37 16.49
C ALA A 129 26.99 -35.69 17.98
N PRO A 130 26.75 -36.97 18.32
CA PRO A 130 26.66 -37.35 19.73
C PRO A 130 28.03 -37.50 20.38
N SER A 131 28.42 -36.54 21.21
CA SER A 131 29.73 -36.56 21.84
C SER A 131 29.62 -37.17 23.24
N SER A 132 30.69 -37.06 24.02
CA SER A 132 30.63 -37.48 25.42
C SER A 132 29.78 -36.55 26.26
N LYS A 133 29.76 -35.26 25.92
CA LYS A 133 28.92 -34.29 26.61
C LYS A 133 27.45 -34.39 26.19
N SER A 134 27.15 -35.10 25.12
CA SER A 134 25.78 -35.34 24.67
C SER A 134 25.25 -36.68 25.16
N THR A 135 25.59 -37.06 26.40
CA THR A 135 25.15 -38.34 26.97
C THR A 135 24.96 -38.12 28.47
N SER A 136 23.72 -37.82 28.86
CA SER A 136 23.41 -37.62 30.28
C SER A 136 23.69 -38.89 31.06
N GLY A 137 23.03 -39.99 30.71
CA GLY A 137 23.22 -41.25 31.39
C GLY A 137 22.44 -42.39 30.76
N GLY A 138 23.13 -43.33 30.14
CA GLY A 138 22.52 -44.49 29.51
C GLY A 138 22.10 -44.31 28.07
N THR A 139 21.62 -43.11 27.72
CA THR A 139 21.19 -42.79 26.37
C THR A 139 21.82 -41.47 25.92
N ALA A 140 22.17 -41.42 24.64
CA ALA A 140 22.77 -40.22 24.04
C ALA A 140 21.85 -39.67 22.97
N ALA A 141 22.12 -38.42 22.57
CA ALA A 141 21.29 -37.70 21.61
C ALA A 141 22.11 -37.34 20.39
N LEU A 142 21.49 -37.46 19.21
CA LEU A 142 22.08 -37.04 17.96
C LEU A 142 20.98 -36.41 17.10
N GLY A 143 21.40 -35.64 16.10
CA GLY A 143 20.41 -34.97 15.27
C GLY A 143 21.02 -34.30 14.06
N CYS A 144 20.16 -33.60 13.33
CA CYS A 144 20.53 -32.89 12.11
C CYS A 144 20.03 -31.46 12.20
N LEU A 145 20.81 -30.52 11.66
CA LEU A 145 20.46 -29.11 11.63
C LEU A 145 20.14 -28.73 10.18
N VAL A 146 18.86 -28.50 9.90
CA VAL A 146 18.40 -28.10 8.58
C VAL A 146 18.33 -26.57 8.59
N LYS A 147 19.36 -25.94 8.02
CA LYS A 147 19.57 -24.50 8.14
C LYS A 147 19.48 -23.82 6.78
N ASP A 148 18.89 -22.62 6.79
CA ASP A 148 18.87 -21.73 5.63
C ASP A 148 18.12 -22.32 4.45
N TYR A 149 16.79 -22.31 4.51
CA TYR A 149 15.95 -22.72 3.39
C TYR A 149 14.73 -21.82 3.33
N PHE A 150 14.03 -21.88 2.19
CA PHE A 150 12.86 -21.06 1.94
C PHE A 150 12.16 -21.54 0.68
N PRO A 151 10.83 -21.65 0.68
CA PRO A 151 9.99 -21.41 1.85
C PRO A 151 9.68 -22.70 2.63
N GLU A 152 8.74 -22.62 3.56
CA GLU A 152 8.25 -23.80 4.25
C GLU A 152 7.49 -24.71 3.29
N PRO A 153 7.42 -26.01 3.59
CA PRO A 153 8.09 -26.68 4.70
C PRO A 153 9.16 -27.69 4.26
N VAL A 154 9.82 -28.30 5.23
CA VAL A 154 10.70 -29.44 4.97
C VAL A 154 10.18 -30.62 5.76
N THR A 155 10.51 -31.82 5.27
CA THR A 155 10.19 -33.07 5.94
C THR A 155 11.46 -33.85 6.21
N VAL A 156 11.58 -34.37 7.42
CA VAL A 156 12.79 -35.06 7.87
C VAL A 156 12.40 -36.44 8.41
N SER A 157 13.09 -37.46 7.93
CA SER A 157 12.93 -38.83 8.43
C SER A 157 14.30 -39.37 8.82
N TRP A 158 14.29 -40.49 9.54
CA TRP A 158 15.51 -41.10 10.06
C TRP A 158 15.61 -42.54 9.58
N ASN A 159 16.75 -42.88 8.98
CA ASN A 159 17.01 -44.21 8.44
C ASN A 159 15.88 -44.65 7.51
N SER A 160 15.43 -43.72 6.66
CA SER A 160 14.33 -43.95 5.72
C SER A 160 13.07 -44.41 6.43
N GLY A 161 12.83 -43.89 7.64
CA GLY A 161 11.63 -44.21 8.38
C GLY A 161 11.75 -45.37 9.34
N ALA A 162 12.87 -46.10 9.34
CA ALA A 162 13.01 -47.23 10.23
C ALA A 162 13.14 -46.80 11.68
N LEU A 163 13.64 -45.60 11.94
CA LEU A 163 13.81 -45.06 13.28
C LEU A 163 12.74 -44.00 13.51
N THR A 164 11.77 -44.31 14.36
CA THR A 164 10.68 -43.39 14.67
C THR A 164 10.53 -43.10 16.15
N SER A 165 10.90 -44.03 17.03
CA SER A 165 10.75 -43.81 18.46
C SER A 165 11.79 -42.81 18.96
N GLY A 166 11.33 -41.84 19.76
CA GLY A 166 12.23 -40.87 20.34
C GLY A 166 12.71 -39.78 19.40
N VAL A 167 12.06 -39.60 18.26
CA VAL A 167 12.44 -38.59 17.28
C VAL A 167 11.62 -37.33 17.54
N HIS A 168 12.28 -36.18 17.57
CA HIS A 168 11.62 -34.89 17.74
C HIS A 168 12.10 -33.94 16.65
N THR A 169 11.21 -33.65 15.70
CA THR A 169 11.47 -32.65 14.66
C THR A 169 10.79 -31.36 15.06
N PHE A 170 11.59 -30.36 15.41
CA PHE A 170 11.06 -29.12 15.95
C PHE A 170 10.47 -28.25 14.84
N PRO A 171 9.46 -27.44 15.16
CA PRO A 171 8.98 -26.46 14.18
C PRO A 171 10.06 -25.44 13.85
N ALA A 172 10.09 -25.02 12.59
CA ALA A 172 11.16 -24.14 12.14
C ALA A 172 11.05 -22.76 12.81
N VAL A 173 12.18 -22.08 12.86
CA VAL A 173 12.23 -20.69 13.31
C VAL A 173 12.64 -19.84 12.12
N LEU A 174 12.11 -18.62 12.07
CA LEU A 174 12.44 -17.69 11.00
C LEU A 174 13.62 -16.84 11.44
N GLN A 175 14.74 -16.97 10.75
CA GLN A 175 15.95 -16.26 11.11
C GLN A 175 15.90 -14.82 10.59
N SER A 176 16.76 -13.98 11.16
CA SER A 176 16.82 -12.58 10.73
C SER A 176 17.19 -12.45 9.26
N SER A 177 17.86 -13.46 8.69
CA SER A 177 18.15 -13.48 7.26
C SER A 177 16.91 -13.71 6.40
N GLY A 178 15.78 -14.05 7.00
CA GLY A 178 14.58 -14.37 6.26
C GLY A 178 14.47 -15.82 5.84
N LEU A 179 15.45 -16.65 6.18
CA LEU A 179 15.44 -18.07 5.84
C LEU A 179 15.14 -18.89 7.08
N TYR A 180 14.43 -20.00 6.89
CA TYR A 180 14.04 -20.83 8.02
C TYR A 180 15.17 -21.73 8.47
N SER A 181 15.20 -22.01 9.77
CA SER A 181 16.15 -22.93 10.37
C SER A 181 15.38 -23.97 11.18
N LEU A 182 15.86 -25.20 11.17
CA LEU A 182 15.12 -26.30 11.77
C LEU A 182 16.10 -27.37 12.22
N SER A 183 15.72 -28.08 13.29
CA SER A 183 16.53 -29.16 13.84
C SER A 183 15.63 -30.34 14.15
N SER A 184 16.17 -31.54 13.96
CA SER A 184 15.48 -32.77 14.28
C SER A 184 16.47 -33.69 14.98
N VAL A 185 16.14 -34.10 16.21
CA VAL A 185 17.05 -34.89 17.03
C VAL A 185 16.37 -36.22 17.38
N VAL A 186 17.18 -37.18 17.79
CA VAL A 186 16.70 -38.49 18.22
C VAL A 186 17.60 -38.99 19.35
N THR A 187 16.98 -39.59 20.36
CA THR A 187 17.71 -40.19 21.47
C THR A 187 17.72 -41.70 21.32
N VAL A 188 18.90 -42.29 21.42
CA VAL A 188 19.08 -43.73 21.26
C VAL A 188 19.92 -44.23 22.43
N PRO A 189 19.91 -45.55 22.69
CA PRO A 189 20.83 -46.10 23.67
C PRO A 189 22.27 -45.90 23.24
N SER A 190 23.12 -45.55 24.22
CA SER A 190 24.53 -45.33 23.94
C SER A 190 25.22 -46.58 23.39
N SER A 191 24.66 -47.76 23.63
CA SER A 191 25.29 -49.01 23.19
C SER A 191 25.16 -49.23 21.69
N SER A 192 24.23 -48.55 21.02
CA SER A 192 23.95 -48.78 19.62
C SER A 192 24.59 -47.76 18.69
N LEU A 193 25.27 -46.74 19.24
CA LEU A 193 25.76 -45.64 18.43
C LEU A 193 26.83 -46.06 17.43
N GLY A 194 27.49 -47.20 17.65
CA GLY A 194 28.54 -47.60 16.74
C GLY A 194 28.35 -48.99 16.16
N THR A 195 27.16 -49.55 16.34
CA THR A 195 26.72 -50.71 15.57
C THR A 195 25.54 -50.38 14.67
N GLN A 196 24.88 -49.24 14.88
CA GLN A 196 23.78 -48.77 14.07
C GLN A 196 24.13 -47.39 13.53
N THR A 197 24.01 -47.22 12.22
CA THR A 197 24.30 -45.94 11.59
C THR A 197 23.03 -45.14 11.43
N TYR A 198 23.12 -43.84 11.70
CA TYR A 198 21.96 -42.95 11.72
C TYR A 198 22.10 -41.92 10.62
N ILE A 199 21.16 -41.94 9.68
CA ILE A 199 21.11 -41.01 8.56
C ILE A 199 19.76 -40.31 8.57
N CYS A 200 19.77 -38.97 8.51
CA CYS A 200 18.56 -38.19 8.42
C CYS A 200 18.28 -37.85 6.96
N ASN A 201 17.02 -38.00 6.55
CA ASN A 201 16.61 -37.77 5.17
C ASN A 201 15.81 -36.47 5.12
N VAL A 202 16.39 -35.46 4.50
CA VAL A 202 15.78 -34.13 4.41
C VAL A 202 15.23 -33.93 3.01
N ASN A 203 13.93 -33.64 2.91
CA ASN A 203 13.26 -33.42 1.64
C ASN A 203 12.67 -32.02 1.62
N HIS A 204 12.98 -31.26 0.57
CA HIS A 204 12.52 -29.88 0.40
C HIS A 204 11.97 -29.75 -1.01
N LYS A 205 10.67 -30.03 -1.16
CA LYS A 205 10.05 -29.99 -2.48
C LYS A 205 10.12 -28.65 -3.19
N PRO A 206 10.03 -27.49 -2.52
CA PRO A 206 10.15 -26.22 -3.26
C PRO A 206 11.45 -26.09 -4.05
N SER A 207 12.53 -26.74 -3.62
CA SER A 207 13.80 -26.66 -4.32
C SER A 207 14.23 -27.98 -4.93
N ASN A 208 13.36 -29.00 -4.92
CA ASN A 208 13.65 -30.31 -5.49
C ASN A 208 14.91 -30.91 -4.87
N THR A 209 15.08 -30.72 -3.57
CA THR A 209 16.31 -31.11 -2.86
C THR A 209 15.99 -32.27 -1.92
N LYS A 210 16.63 -33.40 -2.15
CA LYS A 210 16.62 -34.53 -1.22
C LYS A 210 18.06 -34.81 -0.80
N VAL A 211 18.35 -34.68 0.49
CA VAL A 211 19.69 -34.83 1.02
C VAL A 211 19.66 -35.84 2.16
N ASP A 212 20.58 -36.80 2.12
CA ASP A 212 20.73 -37.82 3.16
C ASP A 212 22.08 -37.62 3.82
N LYS A 213 22.06 -37.31 5.12
CA LYS A 213 23.25 -36.93 5.86
C LYS A 213 23.48 -37.93 7.00
N LYS A 214 24.66 -38.55 6.99
CA LYS A 214 25.01 -39.49 8.05
C LYS A 214 25.58 -38.75 9.25
N VAL A 215 25.06 -39.06 10.43
CA VAL A 215 25.50 -38.44 11.68
C VAL A 215 26.37 -39.45 12.42
N GLU A 216 27.62 -39.07 12.68
CA GLU A 216 28.62 -39.94 13.28
C GLU A 216 29.25 -39.25 14.47
N PRO A 217 29.81 -40.02 15.42
CA PRO A 217 30.53 -39.39 16.54
C PRO A 217 31.69 -38.54 16.05
N LYS A 218 31.91 -37.42 16.74
CA LYS A 218 32.97 -36.50 16.36
C LYS A 218 34.33 -37.06 16.76
N SER A 219 35.32 -36.79 15.93
CA SER A 219 36.65 -37.39 16.06
C SER A 219 37.60 -36.40 16.71
N CYS A 220 38.05 -36.72 17.92
CA CYS A 220 39.06 -35.92 18.60
C CYS A 220 40.44 -36.18 18.00
N GLU B 1 -9.13 2.20 21.42
CA GLU B 1 -9.22 0.75 21.25
C GLU B 1 -9.34 0.04 22.59
N ILE B 2 -10.10 -1.05 22.61
CA ILE B 2 -10.26 -1.88 23.80
C ILE B 2 -9.17 -2.94 23.82
N VAL B 3 -8.63 -3.19 25.01
CA VAL B 3 -7.57 -4.17 25.21
C VAL B 3 -8.15 -5.33 26.00
N MET B 4 -8.12 -6.53 25.42
CA MET B 4 -8.66 -7.74 26.04
C MET B 4 -7.51 -8.52 26.64
N THR B 5 -7.38 -8.47 27.96
CA THR B 5 -6.33 -9.18 28.69
C THR B 5 -6.88 -10.51 29.17
N GLN B 6 -6.28 -11.61 28.70
CA GLN B 6 -6.73 -12.96 29.00
C GLN B 6 -5.71 -13.67 29.87
N SER B 7 -6.19 -14.39 30.88
CA SER B 7 -5.33 -15.03 31.85
C SER B 7 -5.97 -16.31 32.34
N PRO B 8 -5.19 -17.37 32.60
CA PRO B 8 -3.73 -17.40 32.46
C PRO B 8 -3.29 -17.63 31.02
N SER B 9 -2.00 -17.41 30.73
CA SER B 9 -1.48 -17.69 29.40
C SER B 9 -1.50 -19.18 29.10
N SER B 10 -1.22 -20.00 30.11
CA SER B 10 -1.28 -21.44 29.97
C SER B 10 -1.62 -22.05 31.32
N LEU B 11 -2.34 -23.17 31.30
CA LEU B 11 -2.70 -23.87 32.53
C LEU B 11 -2.68 -25.37 32.29
N SER B 12 -2.38 -26.12 33.34
CA SER B 12 -2.33 -27.58 33.31
C SER B 12 -3.53 -28.14 34.04
N ALA B 13 -4.20 -29.12 33.42
CA ALA B 13 -5.37 -29.74 34.03
C ALA B 13 -5.48 -31.18 33.58
N SER B 14 -5.90 -32.04 34.50
CA SER B 14 -6.20 -33.43 34.20
C SER B 14 -7.67 -33.59 33.81
N VAL B 15 -8.00 -34.76 33.27
CA VAL B 15 -9.38 -35.02 32.86
C VAL B 15 -10.30 -34.98 34.07
N GLY B 16 -11.42 -34.28 33.94
CA GLY B 16 -12.38 -34.13 35.02
C GLY B 16 -12.22 -32.88 35.86
N ASP B 17 -11.13 -32.15 35.71
CA ASP B 17 -10.92 -30.95 36.51
C ASP B 17 -11.93 -29.87 36.12
N ARG B 18 -12.10 -28.91 37.02
CA ARG B 18 -12.91 -27.72 36.75
C ARG B 18 -11.95 -26.62 36.30
N VAL B 19 -12.07 -26.22 35.04
CA VAL B 19 -11.15 -25.27 34.42
C VAL B 19 -11.83 -23.91 34.30
N THR B 20 -11.06 -22.85 34.57
CA THR B 20 -11.57 -21.49 34.58
C THR B 20 -10.58 -20.58 33.86
N ILE B 21 -11.09 -19.79 32.92
CA ILE B 21 -10.29 -18.85 32.15
C ILE B 21 -10.91 -17.46 32.32
N THR B 22 -10.07 -16.45 32.44
CA THR B 22 -10.50 -15.09 32.72
C THR B 22 -10.17 -14.18 31.54
N CYS B 23 -11.12 -13.32 31.20
CA CYS B 23 -10.97 -12.36 30.11
C CYS B 23 -11.41 -10.99 30.61
N ARG B 24 -10.55 -9.99 30.48
CA ARG B 24 -10.81 -8.67 31.02
C ARG B 24 -10.66 -7.62 29.92
N ALA B 25 -11.69 -6.79 29.76
CA ALA B 25 -11.66 -5.67 28.83
C ALA B 25 -11.20 -4.42 29.55
N SER B 26 -10.55 -3.52 28.79
CA SER B 26 -10.06 -2.28 29.37
C SER B 26 -11.18 -1.29 29.69
N GLN B 27 -12.40 -1.53 29.22
CA GLN B 27 -13.53 -0.70 29.55
C GLN B 27 -14.82 -1.50 29.39
N GLY B 28 -15.89 -0.99 29.99
CA GLY B 28 -17.18 -1.66 29.99
C GLY B 28 -17.72 -2.00 28.62
N ILE B 29 -17.89 -3.30 28.36
CA ILE B 29 -18.44 -3.78 27.10
C ILE B 29 -19.75 -4.55 27.33
N SER B 30 -20.35 -4.40 28.51
CA SER B 30 -21.61 -5.06 28.85
C SER B 30 -21.52 -6.57 28.64
N SER B 31 -22.28 -7.10 27.70
CA SER B 31 -22.34 -8.54 27.43
C SER B 31 -21.80 -8.92 26.06
N TYR B 32 -21.09 -8.02 25.39
CA TYR B 32 -20.64 -8.25 24.02
C TYR B 32 -19.29 -8.98 24.04
N LEU B 33 -19.37 -10.30 24.26
CA LEU B 33 -18.17 -11.12 24.33
C LEU B 33 -18.50 -12.54 23.87
N ALA B 34 -17.50 -13.22 23.30
CA ALA B 34 -17.64 -14.59 22.85
C ALA B 34 -16.39 -15.38 23.18
N TRP B 35 -16.55 -16.70 23.31
CA TRP B 35 -15.45 -17.62 23.57
C TRP B 35 -15.28 -18.58 22.40
N TYR B 36 -14.03 -18.91 22.08
CA TYR B 36 -13.71 -19.78 20.97
C TYR B 36 -12.72 -20.86 21.41
N GLN B 37 -12.77 -21.99 20.73
CA GLN B 37 -11.82 -23.09 20.91
C GLN B 37 -11.07 -23.30 19.61
N GLN B 38 -9.75 -23.49 19.71
CA GLN B 38 -8.93 -23.74 18.54
C GLN B 38 -7.90 -24.81 18.84
N LYS B 39 -7.77 -25.77 17.91
CA LYS B 39 -6.77 -26.81 17.94
C LYS B 39 -5.75 -26.58 16.83
N PRO B 40 -4.49 -26.98 17.04
CA PRO B 40 -3.44 -26.64 16.07
C PRO B 40 -3.78 -27.12 14.66
N GLY B 41 -3.67 -26.21 13.70
CA GLY B 41 -3.94 -26.49 12.31
C GLY B 41 -5.40 -26.45 11.91
N LYS B 42 -6.31 -26.30 12.86
CA LYS B 42 -7.74 -26.27 12.60
C LYS B 42 -8.28 -24.85 12.75
N ALA B 43 -9.47 -24.63 12.18
CA ALA B 43 -10.12 -23.34 12.31
C ALA B 43 -10.75 -23.20 13.68
N PRO B 44 -10.93 -21.97 14.16
CA PRO B 44 -11.56 -21.77 15.47
C PRO B 44 -13.01 -22.22 15.49
N LYS B 45 -13.48 -22.53 16.69
CA LYS B 45 -14.81 -23.09 16.91
C LYS B 45 -15.53 -22.24 17.95
N LEU B 46 -16.72 -21.77 17.62
CA LEU B 46 -17.48 -20.91 18.52
C LEU B 46 -18.08 -21.73 19.66
N LEU B 47 -17.84 -21.29 20.90
CA LEU B 47 -18.35 -21.95 22.09
C LEU B 47 -19.46 -21.15 22.77
N ILE B 48 -19.16 -19.94 23.19
CA ILE B 48 -20.10 -19.07 23.89
C ILE B 48 -20.24 -17.77 23.12
N TYR B 49 -21.48 -17.29 22.99
CA TYR B 49 -21.75 -15.98 22.45
C TYR B 49 -22.65 -15.23 23.42
N ALA B 50 -22.68 -13.91 23.29
CA ALA B 50 -23.43 -13.03 24.20
C ALA B 50 -23.03 -13.30 25.64
N ALA B 51 -21.72 -13.38 25.87
CA ALA B 51 -21.11 -13.53 27.19
C ALA B 51 -21.41 -14.87 27.87
N SER B 52 -22.67 -15.31 27.83
CA SER B 52 -23.06 -16.49 28.60
C SER B 52 -24.02 -17.43 27.90
N THR B 53 -24.20 -17.32 26.59
CA THR B 53 -25.12 -18.19 25.86
C THR B 53 -24.33 -19.28 25.14
N LEU B 54 -24.77 -20.52 25.28
CA LEU B 54 -24.06 -21.66 24.73
C LEU B 54 -24.42 -21.87 23.26
N GLN B 55 -23.40 -21.90 22.41
CA GLN B 55 -23.61 -22.16 20.99
C GLN B 55 -24.18 -23.56 20.79
N SER B 56 -25.07 -23.69 19.79
CA SER B 56 -25.69 -24.97 19.50
C SER B 56 -24.64 -26.00 19.10
N GLY B 57 -24.72 -27.19 19.70
CA GLY B 57 -23.77 -28.25 19.45
C GLY B 57 -22.61 -28.32 20.41
N VAL B 58 -22.42 -27.31 21.25
CA VAL B 58 -21.33 -27.33 22.23
C VAL B 58 -21.79 -28.10 23.46
N PRO B 59 -20.96 -29.01 23.99
CA PRO B 59 -21.37 -29.78 25.17
C PRO B 59 -21.68 -28.88 26.36
N SER B 60 -22.64 -29.32 27.17
CA SER B 60 -23.17 -28.50 28.26
C SER B 60 -22.15 -28.28 29.38
N ARG B 61 -21.01 -28.97 29.35
CA ARG B 61 -19.97 -28.72 30.35
C ARG B 61 -19.35 -27.34 30.21
N PHE B 62 -19.55 -26.68 29.07
CA PHE B 62 -19.07 -25.32 28.86
C PHE B 62 -20.11 -24.31 29.31
N SER B 63 -19.65 -23.24 29.95
CA SER B 63 -20.55 -22.20 30.43
C SER B 63 -19.76 -20.90 30.59
N GLY B 64 -20.39 -19.80 30.17
CA GLY B 64 -19.79 -18.48 30.32
C GLY B 64 -20.49 -17.65 31.38
N SER B 65 -19.80 -16.67 31.94
CA SER B 65 -20.39 -15.80 32.95
C SER B 65 -19.64 -14.48 32.95
N GLY B 66 -20.23 -13.48 33.62
CA GLY B 66 -19.65 -12.17 33.74
C GLY B 66 -20.33 -11.16 32.83
N SER B 67 -20.17 -9.88 33.20
CA SER B 67 -20.71 -8.78 32.42
C SER B 67 -19.95 -7.51 32.80
N GLY B 68 -19.76 -6.64 31.81
CA GLY B 68 -19.04 -5.40 32.03
C GLY B 68 -17.59 -5.48 31.62
N THR B 69 -16.72 -5.91 32.55
CA THR B 69 -15.29 -5.98 32.25
C THR B 69 -14.73 -7.37 32.56
N ASP B 70 -15.28 -8.05 33.56
CA ASP B 70 -14.76 -9.33 34.02
C ASP B 70 -15.64 -10.46 33.50
N PHE B 71 -15.04 -11.38 32.73
CA PHE B 71 -15.73 -12.53 32.17
C PHE B 71 -14.94 -13.79 32.47
N THR B 72 -15.64 -14.90 32.62
CA THR B 72 -15.01 -16.19 32.93
C THR B 72 -15.67 -17.30 32.12
N LEU B 73 -14.84 -18.11 31.47
CA LEU B 73 -15.29 -19.35 30.86
C LEU B 73 -15.04 -20.51 31.83
N THR B 74 -15.95 -21.48 31.82
CA THR B 74 -15.90 -22.57 32.79
C THR B 74 -16.19 -23.90 32.12
N ILE B 75 -15.28 -24.85 32.28
CA ILE B 75 -15.47 -26.24 31.87
C ILE B 75 -15.67 -27.05 33.14
N SER B 76 -16.91 -27.52 33.35
CA SER B 76 -17.25 -28.15 34.62
C SER B 76 -16.52 -29.47 34.80
N SER B 77 -16.32 -30.23 33.72
CA SER B 77 -15.65 -31.53 33.78
C SER B 77 -14.83 -31.69 32.51
N LEU B 78 -13.53 -31.41 32.60
CA LEU B 78 -12.65 -31.42 31.44
C LEU B 78 -12.63 -32.80 30.79
N GLN B 79 -12.83 -32.83 29.48
CA GLN B 79 -12.79 -34.05 28.68
C GLN B 79 -11.55 -34.08 27.80
N PRO B 80 -11.15 -35.27 27.33
CA PRO B 80 -9.92 -35.36 26.52
C PRO B 80 -9.92 -34.49 25.27
N GLU B 81 -11.07 -34.32 24.61
CA GLU B 81 -11.13 -33.51 23.40
C GLU B 81 -11.17 -32.01 23.69
N ASP B 82 -10.96 -31.60 24.94
CA ASP B 82 -11.01 -30.20 25.31
C ASP B 82 -9.63 -29.58 25.53
N PHE B 83 -8.57 -30.37 25.40
CA PHE B 83 -7.21 -29.83 25.48
C PHE B 83 -6.93 -29.05 24.20
N ALA B 84 -6.99 -27.72 24.29
CA ALA B 84 -6.79 -26.86 23.14
C ALA B 84 -6.46 -25.45 23.62
N THR B 85 -6.55 -24.48 22.73
CA THR B 85 -6.30 -23.08 23.04
C THR B 85 -7.60 -22.30 22.90
N TYR B 86 -7.92 -21.49 23.90
CA TYR B 86 -9.20 -20.79 23.96
C TYR B 86 -8.99 -19.29 23.89
N TYR B 87 -9.90 -18.60 23.20
CA TYR B 87 -9.83 -17.15 23.01
C TYR B 87 -11.16 -16.52 23.38
N CYS B 88 -11.10 -15.27 23.83
CA CYS B 88 -12.27 -14.43 24.00
C CYS B 88 -12.24 -13.28 23.00
N GLN B 89 -13.43 -12.86 22.57
CA GLN B 89 -13.58 -11.81 21.56
C GLN B 89 -14.59 -10.78 22.04
N GLN B 90 -14.32 -9.50 21.74
CA GLN B 90 -15.23 -8.41 22.06
C GLN B 90 -16.09 -8.12 20.82
N LEU B 91 -17.27 -8.75 20.77
CA LEU B 91 -18.19 -8.57 19.67
C LEU B 91 -18.77 -7.17 19.59
N ASP B 92 -18.44 -6.29 20.53
CA ASP B 92 -18.96 -4.93 20.48
C ASP B 92 -18.43 -4.21 19.26
N SER B 93 -19.30 -3.46 18.59
CA SER B 93 -18.94 -2.74 17.37
C SER B 93 -18.42 -1.34 17.67
N TYR B 94 -17.83 -1.13 18.83
CA TYR B 94 -17.22 0.15 19.20
C TYR B 94 -16.22 -0.06 20.32
N PRO B 95 -14.95 0.30 20.12
CA PRO B 95 -14.42 0.75 18.83
C PRO B 95 -14.02 -0.42 17.94
N PRO B 96 -14.69 -0.53 16.75
CA PRO B 96 -14.58 -1.73 15.89
C PRO B 96 -13.70 -2.84 16.43
N GLY B 97 -12.58 -3.12 15.75
CA GLY B 97 -11.56 -3.98 16.30
C GLY B 97 -11.95 -5.45 16.46
N TYR B 98 -12.95 -5.71 17.30
CA TYR B 98 -13.32 -7.07 17.68
C TYR B 98 -12.10 -7.78 18.23
N THR B 99 -11.46 -7.14 19.19
CA THR B 99 -10.19 -7.61 19.74
C THR B 99 -10.34 -8.99 20.36
N PHE B 100 -9.36 -9.85 20.12
CA PHE B 100 -9.31 -11.17 20.71
C PHE B 100 -8.34 -11.17 21.90
N GLY B 101 -8.55 -12.13 22.79
CA GLY B 101 -7.66 -12.31 23.92
C GLY B 101 -6.31 -12.85 23.49
N GLN B 102 -5.39 -12.86 24.47
CA GLN B 102 -4.05 -13.38 24.20
C GLN B 102 -4.06 -14.88 24.00
N GLY B 103 -5.01 -15.58 24.62
CA GLY B 103 -5.13 -17.01 24.46
C GLY B 103 -4.64 -17.77 25.67
N THR B 104 -5.28 -18.90 25.95
CA THR B 104 -4.93 -19.76 27.07
C THR B 104 -4.77 -21.19 26.57
N LYS B 105 -3.55 -21.72 26.69
CA LYS B 105 -3.27 -23.09 26.28
C LYS B 105 -3.49 -24.04 27.44
N VAL B 106 -4.33 -25.06 27.23
CA VAL B 106 -4.66 -26.04 28.26
C VAL B 106 -4.01 -27.35 27.84
N ASP B 107 -2.93 -27.71 28.53
CA ASP B 107 -2.22 -28.95 28.24
C ASP B 107 -2.56 -30.02 29.28
N ILE B 108 -2.06 -31.22 29.06
CA ILE B 108 -2.36 -32.36 29.91
C ILE B 108 -1.47 -32.31 31.14
N LYS B 109 -2.09 -32.34 32.32
CA LYS B 109 -1.33 -32.30 33.56
C LYS B 109 -0.75 -33.68 33.88
N ARG B 110 0.53 -33.72 34.20
CA ARG B 110 1.21 -34.93 34.61
C ARG B 110 2.24 -34.56 35.67
N THR B 111 2.97 -35.57 36.15
CA THR B 111 4.03 -35.33 37.12
C THR B 111 5.16 -34.52 36.50
N VAL B 112 5.89 -33.81 37.36
CA VAL B 112 7.01 -32.99 36.90
C VAL B 112 8.10 -33.90 36.34
N ALA B 113 8.69 -33.49 35.22
CA ALA B 113 9.75 -34.24 34.56
C ALA B 113 10.89 -33.30 34.22
N ALA B 114 12.09 -33.62 34.72
CA ALA B 114 13.25 -32.78 34.47
C ALA B 114 13.78 -33.02 33.06
N PRO B 115 14.32 -31.99 32.41
CA PRO B 115 14.81 -32.15 31.04
C PRO B 115 16.18 -32.78 30.98
N SER B 116 16.41 -33.54 29.90
CA SER B 116 17.72 -34.03 29.57
C SER B 116 18.41 -33.02 28.67
N VAL B 117 19.61 -32.57 29.07
CA VAL B 117 20.29 -31.45 28.44
C VAL B 117 21.44 -32.00 27.60
N PHE B 118 21.48 -31.60 26.33
CA PHE B 118 22.52 -32.00 25.39
C PHE B 118 23.00 -30.78 24.63
N ILE B 119 24.32 -30.60 24.54
CA ILE B 119 24.91 -29.49 23.81
C ILE B 119 25.68 -30.04 22.62
N PHE B 120 25.56 -29.36 21.48
CA PHE B 120 26.17 -29.81 20.23
C PHE B 120 27.04 -28.69 19.68
N PRO B 121 28.34 -28.90 19.54
CA PRO B 121 29.20 -27.88 18.92
C PRO B 121 28.89 -27.77 17.43
N PRO B 122 29.23 -26.64 16.81
CA PRO B 122 29.01 -26.53 15.37
C PRO B 122 29.84 -27.54 14.60
N SER B 123 29.30 -27.99 13.47
CA SER B 123 29.97 -29.00 12.67
C SER B 123 31.16 -28.38 11.93
N ASP B 124 32.17 -29.23 11.68
CA ASP B 124 33.32 -28.79 10.88
C ASP B 124 32.89 -28.38 9.48
N GLU B 125 31.86 -29.04 8.93
CA GLU B 125 31.37 -28.66 7.61
C GLU B 125 30.79 -27.25 7.61
N GLN B 126 30.06 -26.90 8.67
CA GLN B 126 29.42 -25.59 8.72
C GLN B 126 30.44 -24.49 8.99
N LEU B 127 31.44 -24.79 9.83
CA LEU B 127 32.51 -23.82 10.08
C LEU B 127 33.27 -23.49 8.79
N LYS B 128 33.34 -24.43 7.86
CA LYS B 128 33.92 -24.16 6.55
C LYS B 128 33.13 -23.10 5.78
N SER B 129 31.85 -22.92 6.11
CA SER B 129 31.02 -21.94 5.44
C SER B 129 31.14 -20.53 6.01
N GLY B 130 31.56 -20.41 7.28
CA GLY B 130 31.73 -19.11 7.91
C GLY B 130 30.75 -18.83 9.03
N THR B 131 29.80 -19.73 9.29
CA THR B 131 28.79 -19.55 10.33
C THR B 131 28.86 -20.70 11.31
N ALA B 132 28.79 -20.40 12.60
CA ALA B 132 28.85 -21.40 13.65
C ALA B 132 27.51 -21.41 14.39
N SER B 133 26.82 -22.55 14.33
CA SER B 133 25.55 -22.73 15.03
C SER B 133 25.72 -23.77 16.13
N VAL B 134 25.54 -23.35 17.38
CA VAL B 134 25.55 -24.24 18.53
C VAL B 134 24.12 -24.50 18.94
N VAL B 135 23.81 -25.76 19.26
CA VAL B 135 22.45 -26.18 19.56
C VAL B 135 22.41 -26.80 20.96
N CYS B 136 21.45 -26.37 21.76
CA CYS B 136 21.21 -26.92 23.09
C CYS B 136 19.86 -27.62 23.09
N LEU B 137 19.81 -28.84 23.60
CA LEU B 137 18.61 -29.66 23.55
C LEU B 137 18.09 -29.90 24.96
N LEU B 138 16.78 -29.73 25.13
CA LEU B 138 16.07 -30.07 26.36
C LEU B 138 15.05 -31.13 26.01
N ASN B 139 15.30 -32.36 26.44
CA ASN B 139 14.54 -33.52 25.97
C ASN B 139 13.55 -33.98 27.01
N ASN B 140 12.28 -34.09 26.62
CA ASN B 140 11.21 -34.67 27.42
C ASN B 140 11.13 -34.09 28.83
N PHE B 141 10.51 -32.93 28.97
CA PHE B 141 10.34 -32.29 30.26
C PHE B 141 8.90 -31.83 30.43
N TYR B 142 8.56 -31.47 31.67
CA TYR B 142 7.24 -30.97 32.00
C TYR B 142 7.33 -30.21 33.31
N PRO B 143 6.70 -29.03 33.44
CA PRO B 143 5.82 -28.40 32.45
C PRO B 143 6.57 -27.66 31.33
N ARG B 144 5.82 -26.87 30.56
CA ARG B 144 6.39 -26.17 29.41
C ARG B 144 7.42 -25.14 29.83
N GLU B 145 7.18 -24.44 30.93
CA GLU B 145 8.04 -23.33 31.34
C GLU B 145 9.45 -23.78 31.65
N ALA B 146 10.41 -23.39 30.82
CA ALA B 146 11.81 -23.74 30.99
C ALA B 146 12.67 -22.63 30.40
N LYS B 147 13.76 -22.29 31.09
CA LYS B 147 14.58 -21.14 30.75
C LYS B 147 15.97 -21.61 30.32
N VAL B 148 16.41 -21.14 29.16
CA VAL B 148 17.73 -21.47 28.60
C VAL B 148 18.55 -20.19 28.52
N GLN B 149 19.73 -20.21 29.14
CA GLN B 149 20.64 -19.08 29.15
C GLN B 149 21.99 -19.51 28.58
N TRP B 150 22.39 -18.90 27.47
CA TRP B 150 23.68 -19.19 26.87
C TRP B 150 24.79 -18.41 27.57
N LYS B 151 25.93 -19.06 27.76
CA LYS B 151 27.12 -18.43 28.32
C LYS B 151 28.31 -18.72 27.42
N VAL B 152 29.03 -17.67 27.03
CA VAL B 152 30.21 -17.76 26.20
C VAL B 152 31.37 -17.18 27.01
N ASP B 153 32.28 -18.06 27.46
CA ASP B 153 33.34 -17.68 28.39
C ASP B 153 32.76 -17.04 29.65
N ASN B 154 31.64 -17.60 30.12
CA ASN B 154 30.91 -17.14 31.30
C ASN B 154 30.25 -15.78 31.10
N ALA B 155 30.11 -15.35 29.86
CA ALA B 155 29.37 -14.13 29.52
C ALA B 155 27.97 -14.52 29.04
N LEU B 156 26.94 -14.00 29.72
CA LEU B 156 25.57 -14.35 29.40
C LEU B 156 25.19 -13.79 28.04
N GLN B 157 24.86 -14.68 27.11
CA GLN B 157 24.54 -14.30 25.74
C GLN B 157 23.04 -14.19 25.54
N SER B 158 22.59 -13.06 24.99
CA SER B 158 21.20 -12.87 24.63
C SER B 158 21.13 -12.09 23.33
N GLY B 159 20.12 -12.40 22.52
CA GLY B 159 19.85 -11.70 21.28
C GLY B 159 20.32 -12.41 20.03
N ASN B 160 21.22 -13.39 20.15
CA ASN B 160 21.71 -14.13 18.99
C ASN B 160 21.29 -15.59 19.04
N SER B 161 20.28 -15.92 19.84
CA SER B 161 19.79 -17.28 19.99
C SER B 161 18.30 -17.33 19.70
N GLN B 162 17.86 -18.47 19.18
CA GLN B 162 16.45 -18.71 18.91
C GLN B 162 16.05 -20.06 19.48
N GLU B 163 14.78 -20.19 19.84
CA GLU B 163 14.27 -21.42 20.43
C GLU B 163 13.09 -21.94 19.63
N SER B 164 12.78 -23.21 19.85
CA SER B 164 11.63 -23.85 19.22
C SER B 164 11.17 -24.98 20.14
N VAL B 165 9.86 -25.06 20.37
CA VAL B 165 9.28 -26.05 21.26
C VAL B 165 8.31 -26.91 20.47
N THR B 166 8.38 -28.22 20.68
CA THR B 166 7.43 -29.12 20.07
C THR B 166 6.11 -29.07 20.83
N GLU B 167 5.06 -29.59 20.21
CA GLU B 167 3.79 -29.72 20.90
C GLU B 167 3.87 -30.84 21.93
N GLN B 168 2.96 -30.79 22.91
CA GLN B 168 2.94 -31.77 23.98
C GLN B 168 2.85 -33.18 23.39
N ASP B 169 3.83 -34.01 23.73
CA ASP B 169 3.94 -35.33 23.12
C ASP B 169 2.70 -36.16 23.44
N SER B 170 2.15 -36.80 22.40
CA SER B 170 0.89 -37.52 22.53
C SER B 170 1.02 -38.81 23.34
N LYS B 171 2.20 -39.16 23.82
CA LYS B 171 2.38 -40.42 24.55
C LYS B 171 2.83 -40.24 25.99
N ASP B 172 3.79 -39.35 26.26
CA ASP B 172 4.23 -39.10 27.63
C ASP B 172 3.91 -37.70 28.11
N SER B 173 3.25 -36.87 27.28
CA SER B 173 2.78 -35.54 27.67
C SER B 173 3.93 -34.63 28.08
N THR B 174 5.10 -34.80 27.47
CA THR B 174 6.26 -33.97 27.76
C THR B 174 6.54 -33.03 26.59
N TYR B 175 7.34 -32.01 26.87
CA TYR B 175 7.80 -31.05 25.88
C TYR B 175 9.28 -31.26 25.59
N SER B 176 9.71 -30.80 24.42
CA SER B 176 11.11 -30.82 24.05
C SER B 176 11.45 -29.50 23.38
N LEU B 177 12.64 -28.97 23.68
CA LEU B 177 13.04 -27.64 23.24
C LEU B 177 14.44 -27.69 22.66
N SER B 178 14.65 -26.92 21.59
CA SER B 178 15.97 -26.70 21.01
C SER B 178 16.26 -25.21 21.03
N SER B 179 17.52 -24.87 21.26
CA SER B 179 17.97 -23.48 21.24
C SER B 179 19.22 -23.40 20.36
N THR B 180 19.18 -22.50 19.39
CA THR B 180 20.25 -22.39 18.39
C THR B 180 20.96 -21.06 18.58
N LEU B 181 22.22 -21.12 19.00
CA LEU B 181 23.07 -19.94 19.12
C LEU B 181 23.92 -19.84 17.87
N THR B 182 23.79 -18.73 17.16
CA THR B 182 24.45 -18.54 15.87
C THR B 182 25.47 -17.42 15.97
N LEU B 183 26.70 -17.71 15.55
CA LEU B 183 27.77 -16.72 15.49
C LEU B 183 28.48 -16.81 14.15
N SER B 184 29.16 -15.74 13.79
CA SER B 184 30.10 -15.79 12.69
C SER B 184 31.32 -16.62 13.09
N LYS B 185 32.00 -17.19 12.10
CA LYS B 185 33.20 -17.98 12.39
C LYS B 185 34.24 -17.15 13.13
N ALA B 186 34.33 -15.85 12.82
CA ALA B 186 35.30 -15.00 13.49
C ALA B 186 35.02 -14.88 14.98
N ASP B 187 33.77 -14.56 15.34
CA ASP B 187 33.42 -14.44 16.75
C ASP B 187 33.48 -15.78 17.47
N TYR B 188 33.19 -16.88 16.75
CA TYR B 188 33.24 -18.20 17.38
C TYR B 188 34.66 -18.56 17.81
N GLU B 189 35.65 -18.26 16.96
CA GLU B 189 37.04 -18.57 17.27
C GLU B 189 37.67 -17.61 18.27
N LYS B 190 36.95 -16.59 18.71
CA LYS B 190 37.47 -15.67 19.72
C LYS B 190 37.29 -16.17 21.15
N HIS B 191 36.50 -17.21 21.36
CA HIS B 191 36.13 -17.65 22.70
C HIS B 191 36.37 -19.15 22.82
N LYS B 192 36.35 -19.64 24.07
CA LYS B 192 36.68 -21.02 24.37
C LYS B 192 35.53 -21.82 24.92
N VAL B 193 34.89 -21.36 25.99
CA VAL B 193 33.90 -22.14 26.73
C VAL B 193 32.51 -21.78 26.23
N TYR B 194 31.77 -22.77 25.77
CA TYR B 194 30.40 -22.60 25.29
C TYR B 194 29.48 -23.48 26.10
N ALA B 195 28.46 -22.89 26.72
CA ALA B 195 27.56 -23.63 27.59
C ALA B 195 26.15 -23.07 27.48
N CYS B 196 25.16 -23.93 27.71
CA CYS B 196 23.78 -23.52 27.90
C CYS B 196 23.34 -23.95 29.30
N GLU B 197 22.72 -23.03 30.03
CA GLU B 197 22.31 -23.26 31.41
C GLU B 197 20.79 -23.39 31.44
N VAL B 198 20.30 -24.54 31.87
CA VAL B 198 18.88 -24.88 31.85
C VAL B 198 18.35 -24.85 33.27
N THR B 199 17.36 -24.01 33.51
CA THR B 199 16.62 -23.99 34.77
C THR B 199 15.19 -24.45 34.52
N HIS B 200 14.65 -25.22 35.45
CA HIS B 200 13.34 -25.82 35.28
C HIS B 200 12.80 -26.25 36.64
N GLN B 201 11.49 -26.45 36.70
CA GLN B 201 10.86 -26.86 37.95
C GLN B 201 11.42 -28.19 38.45
N GLY B 202 11.65 -29.13 37.54
CA GLY B 202 12.18 -30.42 37.91
C GLY B 202 13.64 -30.43 38.29
N LEU B 203 14.32 -29.29 38.18
CA LEU B 203 15.73 -29.16 38.56
C LEU B 203 15.83 -28.29 39.79
N SER B 204 16.42 -28.83 40.87
CA SER B 204 16.62 -28.03 42.07
C SER B 204 17.69 -26.97 41.86
N SER B 205 18.65 -27.23 40.96
CA SER B 205 19.71 -26.30 40.64
C SER B 205 19.94 -26.32 39.15
N PRO B 206 20.40 -25.21 38.57
CA PRO B 206 20.57 -25.14 37.11
C PRO B 206 21.56 -26.17 36.59
N VAL B 207 21.22 -26.78 35.47
CA VAL B 207 22.06 -27.77 34.81
C VAL B 207 22.81 -27.08 33.67
N THR B 208 24.10 -27.38 33.55
CA THR B 208 24.95 -26.76 32.54
C THR B 208 25.72 -27.84 31.79
N LYS B 209 25.53 -27.89 30.48
CA LYS B 209 26.32 -28.73 29.59
C LYS B 209 27.22 -27.82 28.75
N SER B 210 28.51 -28.12 28.74
CA SER B 210 29.48 -27.23 28.14
C SER B 210 30.53 -28.01 27.37
N PHE B 211 31.22 -27.31 26.47
CA PHE B 211 32.38 -27.86 25.78
C PHE B 211 33.40 -26.75 25.61
N ASN B 212 34.63 -27.14 25.25
CA ASN B 212 35.69 -26.21 24.94
C ASN B 212 36.01 -26.31 23.45
N ARG B 213 36.12 -25.16 22.79
CA ARG B 213 36.31 -25.11 21.35
C ARG B 213 37.58 -25.83 20.93
N GLY B 214 37.44 -27.01 20.33
CA GLY B 214 38.57 -27.76 19.84
C GLY B 214 39.04 -28.90 20.73
N GLU B 215 38.17 -29.44 21.58
CA GLU B 215 38.56 -30.55 22.45
C GLU B 215 37.66 -31.76 22.24
N THR C 7 -52.61 31.47 18.59
CA THR C 7 -51.18 31.55 18.86
C THR C 7 -50.75 30.36 19.71
N ASN C 8 -50.83 29.17 19.13
CA ASN C 8 -50.45 27.95 19.84
C ASN C 8 -48.93 27.86 19.95
N LEU C 9 -48.47 27.29 21.06
CA LEU C 9 -47.06 27.05 21.28
C LEU C 9 -46.70 25.65 20.80
N CYS C 10 -45.53 25.52 20.19
CA CYS C 10 -45.13 24.24 19.63
C CYS C 10 -44.93 23.23 20.75
N PRO C 11 -45.53 22.04 20.66
CA PRO C 11 -45.44 21.08 21.76
C PRO C 11 -44.06 20.44 21.87
N PHE C 12 -43.08 21.21 22.35
CA PHE C 12 -41.76 20.65 22.59
C PHE C 12 -41.70 19.92 23.94
N ASP C 13 -42.52 20.35 24.90
CA ASP C 13 -42.57 19.67 26.19
C ASP C 13 -43.02 18.23 26.03
N GLU C 14 -43.95 17.98 25.11
CA GLU C 14 -44.48 16.63 24.92
C GLU C 14 -43.45 15.66 24.35
N VAL C 15 -42.41 16.16 23.68
CA VAL C 15 -41.42 15.29 23.06
C VAL C 15 -40.26 15.00 24.00
N PHE C 16 -39.68 16.04 24.61
CA PHE C 16 -38.52 15.86 25.47
C PHE C 16 -38.91 15.30 26.84
N ASN C 17 -39.95 15.86 27.44
CA ASN C 17 -40.39 15.46 28.77
C ASN C 17 -41.36 14.29 28.76
N ALA C 18 -41.42 13.54 27.65
CA ALA C 18 -42.20 12.31 27.62
C ALA C 18 -41.59 11.27 28.54
N THR C 19 -42.45 10.52 29.24
CA THR C 19 -41.97 9.56 30.21
C THR C 19 -41.36 8.32 29.56
N ARG C 20 -41.88 7.91 28.41
CA ARG C 20 -41.35 6.76 27.69
C ARG C 20 -41.02 7.16 26.25
N PHE C 21 -39.88 6.69 25.78
CA PHE C 21 -39.46 6.87 24.40
C PHE C 21 -39.64 5.57 23.62
N ALA C 22 -39.67 5.70 22.30
CA ALA C 22 -39.83 4.54 21.44
C ALA C 22 -38.48 3.91 21.14
N SER C 23 -38.52 2.67 20.66
CA SER C 23 -37.31 2.00 20.23
C SER C 23 -36.75 2.67 18.98
N VAL C 24 -35.44 2.47 18.76
CA VAL C 24 -34.78 3.17 17.67
C VAL C 24 -35.28 2.69 16.31
N TYR C 25 -35.60 1.40 16.19
CA TYR C 25 -36.06 0.88 14.90
C TYR C 25 -37.47 1.37 14.58
N ALA C 26 -38.29 1.62 15.59
CA ALA C 26 -39.63 2.15 15.39
C ALA C 26 -39.73 3.55 15.97
N TRP C 27 -38.80 4.42 15.57
CA TRP C 27 -38.73 5.76 16.12
C TRP C 27 -40.02 6.53 15.88
N ASN C 28 -40.44 7.30 16.88
CA ASN C 28 -41.64 8.11 16.80
C ASN C 28 -41.33 9.46 16.15
N ARG C 29 -42.26 9.94 15.33
CA ARG C 29 -42.14 11.23 14.68
C ARG C 29 -43.38 12.05 14.97
N LYS C 30 -43.19 13.21 15.60
CA LYS C 30 -44.27 14.13 15.90
C LYS C 30 -44.22 15.29 14.90
N ARG C 31 -45.30 15.47 14.15
CA ARG C 31 -45.37 16.55 13.17
C ARG C 31 -45.76 17.84 13.88
N ILE C 32 -44.86 18.82 13.87
CA ILE C 32 -45.04 20.09 14.54
C ILE C 32 -45.20 21.18 13.48
N SER C 33 -46.34 21.87 13.51
CA SER C 33 -46.64 22.88 12.51
C SER C 33 -47.68 23.83 13.07
N ASN C 34 -47.71 25.04 12.49
CA ASN C 34 -48.65 26.09 12.85
C ASN C 34 -48.61 26.36 14.36
N CYS C 35 -47.47 26.84 14.82
CA CYS C 35 -47.27 27.16 16.23
C CYS C 35 -46.08 28.10 16.36
N VAL C 36 -45.92 28.65 17.56
CA VAL C 36 -44.80 29.55 17.87
C VAL C 36 -43.78 28.76 18.67
N ALA C 37 -42.59 28.59 18.10
CA ALA C 37 -41.56 27.76 18.69
C ALA C 37 -40.64 28.57 19.59
N ASP C 38 -40.30 27.98 20.74
CA ASP C 38 -39.36 28.58 21.69
C ASP C 38 -38.13 27.69 21.75
N TYR C 39 -37.08 28.09 21.05
CA TYR C 39 -35.82 27.36 21.05
C TYR C 39 -34.91 27.75 22.21
N SER C 40 -35.32 28.75 23.01
CA SER C 40 -34.53 29.13 24.17
C SER C 40 -34.58 28.09 25.29
N VAL C 41 -35.61 27.26 25.33
CA VAL C 41 -35.68 26.20 26.32
C VAL C 41 -34.87 24.97 25.90
N LEU C 42 -34.49 24.91 24.63
CA LEU C 42 -33.62 23.86 24.12
C LEU C 42 -32.20 24.34 23.90
N TYR C 43 -31.97 25.66 24.02
CA TYR C 43 -30.63 26.25 24.04
C TYR C 43 -29.68 25.46 24.94
N ASN C 44 -30.06 25.34 26.21
CA ASN C 44 -29.20 24.81 27.27
C ASN C 44 -30.12 24.19 28.32
N PHE C 45 -30.38 22.89 28.17
CA PHE C 45 -31.35 22.24 29.05
C PHE C 45 -30.71 21.85 30.39
N ALA C 46 -29.51 21.31 30.35
CA ALA C 46 -28.91 20.75 31.56
C ALA C 46 -27.41 20.66 31.30
N PRO C 47 -26.62 19.88 32.04
CA PRO C 47 -25.20 19.78 31.67
C PRO C 47 -24.99 19.03 30.37
N PHE C 48 -25.91 18.16 29.96
CA PHE C 48 -25.80 17.48 28.67
C PHE C 48 -25.91 18.50 27.53
N PHE C 49 -24.85 18.60 26.74
CA PHE C 49 -24.76 19.60 25.68
C PHE C 49 -24.71 18.96 24.29
N ALA C 50 -25.37 17.82 24.12
CA ALA C 50 -25.46 17.22 22.79
C ALA C 50 -26.38 18.10 21.96
N PHE C 51 -25.78 19.01 21.19
CA PHE C 51 -26.53 20.06 20.51
C PHE C 51 -25.92 20.37 19.15
N LYS C 52 -25.32 19.36 18.52
CA LYS C 52 -24.73 19.50 17.19
C LYS C 52 -25.80 19.83 16.16
N CYS C 53 -25.75 21.03 15.60
CA CYS C 53 -26.66 21.45 14.55
C CYS C 53 -25.97 21.41 13.19
N TYR C 54 -26.70 20.93 12.19
CA TYR C 54 -26.17 20.77 10.84
C TYR C 54 -27.00 21.61 9.87
N GLY C 55 -26.33 22.39 9.03
CA GLY C 55 -27.00 23.20 8.03
C GLY C 55 -27.68 24.45 8.55
N VAL C 56 -27.79 24.62 9.86
CA VAL C 56 -28.48 25.78 10.44
C VAL C 56 -27.81 26.13 11.76
N SER C 57 -27.81 27.42 12.08
CA SER C 57 -27.22 27.91 13.32
C SER C 57 -28.27 27.95 14.44
N PRO C 58 -27.86 27.64 15.67
CA PRO C 58 -28.84 27.68 16.77
C PRO C 58 -29.33 29.07 17.08
N THR C 59 -28.43 30.06 17.11
CA THR C 59 -28.82 31.42 17.44
C THR C 59 -29.70 32.05 16.38
N LYS C 60 -29.77 31.47 15.18
CA LYS C 60 -30.57 32.00 14.09
C LYS C 60 -31.92 31.31 13.96
N LEU C 61 -32.24 30.37 14.84
CA LEU C 61 -33.50 29.65 14.73
C LEU C 61 -34.69 30.54 15.09
N ASN C 62 -34.52 31.43 16.05
CA ASN C 62 -35.60 32.33 16.44
C ASN C 62 -35.91 33.35 15.34
N ASP C 63 -35.03 33.52 14.37
CA ASP C 63 -35.20 34.49 13.29
C ASP C 63 -35.61 33.83 11.97
N LEU C 64 -35.96 32.55 11.99
CA LEU C 64 -36.30 31.82 10.77
C LEU C 64 -37.67 31.19 10.92
N CYS C 65 -38.41 31.17 9.81
CA CYS C 65 -39.71 30.50 9.72
C CYS C 65 -39.59 29.28 8.81
N PHE C 66 -40.20 28.18 9.23
CA PHE C 66 -40.18 26.94 8.48
C PHE C 66 -41.59 26.47 8.20
N THR C 67 -41.76 25.70 7.12
CA THR C 67 -43.07 25.17 6.79
C THR C 67 -43.51 24.12 7.79
N ASN C 68 -42.65 23.14 8.07
CA ASN C 68 -42.95 22.09 9.02
C ASN C 68 -41.70 21.76 9.83
N VAL C 69 -41.89 21.32 11.06
CA VAL C 69 -40.82 20.90 11.95
C VAL C 69 -41.16 19.51 12.45
N TYR C 70 -40.25 18.56 12.22
CA TYR C 70 -40.44 17.17 12.60
C TYR C 70 -39.58 16.86 13.81
N ALA C 71 -40.18 16.18 14.80
CA ALA C 71 -39.50 15.83 16.05
C ALA C 71 -39.42 14.31 16.13
N ASP C 72 -38.25 13.77 15.86
CA ASP C 72 -38.01 12.33 15.91
C ASP C 72 -37.34 11.96 17.23
N SER C 73 -37.90 10.97 17.92
CA SER C 73 -37.43 10.58 19.24
C SER C 73 -37.23 9.07 19.31
N PHE C 74 -36.16 8.64 19.96
CA PHE C 74 -35.83 7.23 20.11
C PHE C 74 -34.74 7.11 21.17
N VAL C 75 -34.26 5.88 21.38
CA VAL C 75 -33.27 5.58 22.42
C VAL C 75 -32.24 4.61 21.86
N ILE C 76 -30.96 4.95 22.05
CA ILE C 76 -29.84 4.10 21.65
C ILE C 76 -28.84 4.06 22.81
N ARG C 77 -27.70 3.40 22.56
CA ARG C 77 -26.62 3.37 23.54
C ARG C 77 -25.66 4.53 23.30
N GLY C 78 -24.74 4.71 24.25
CA GLY C 78 -23.79 5.81 24.15
C GLY C 78 -22.83 5.66 22.98
N ASN C 79 -22.42 4.43 22.68
CA ASN C 79 -21.47 4.19 21.59
C ASN C 79 -22.06 4.45 20.21
N GLU C 80 -23.37 4.69 20.12
CA GLU C 80 -24.05 4.81 18.83
C GLU C 80 -24.54 6.22 18.54
N VAL C 81 -24.39 7.16 19.48
CA VAL C 81 -24.86 8.53 19.24
C VAL C 81 -24.03 9.18 18.14
N SER C 82 -22.77 8.77 17.98
CA SER C 82 -21.93 9.32 16.92
C SER C 82 -22.44 8.97 15.53
N GLN C 83 -23.39 8.04 15.41
CA GLN C 83 -23.97 7.68 14.13
C GLN C 83 -25.18 8.52 13.75
N ILE C 84 -25.85 9.14 14.73
CA ILE C 84 -26.99 10.01 14.45
C ILE C 84 -26.47 11.34 13.91
N ALA C 85 -25.97 11.33 12.69
CA ALA C 85 -25.38 12.50 12.06
C ALA C 85 -25.37 12.27 10.55
N PRO C 86 -25.31 13.34 9.75
CA PRO C 86 -25.27 13.15 8.30
C PRO C 86 -24.02 12.41 7.87
N GLY C 87 -24.21 11.43 6.97
CA GLY C 87 -23.09 10.68 6.42
C GLY C 87 -22.39 9.78 7.42
N GLN C 88 -23.15 8.96 8.13
CA GLN C 88 -22.61 8.02 9.10
C GLN C 88 -22.98 6.60 8.73
N THR C 89 -22.17 5.65 9.17
CA THR C 89 -22.41 4.24 8.91
C THR C 89 -22.36 3.46 10.22
N GLY C 90 -22.97 2.27 10.18
CA GLY C 90 -23.09 1.42 11.36
C GLY C 90 -24.41 0.69 11.38
N ASN C 91 -24.62 -0.17 12.38
CA ASN C 91 -25.88 -0.90 12.45
C ASN C 91 -27.06 0.05 12.68
N ILE C 92 -26.84 1.10 13.48
CA ILE C 92 -27.90 2.06 13.74
C ILE C 92 -28.16 2.92 12.50
N ALA C 93 -27.10 3.50 11.93
CA ALA C 93 -27.27 4.42 10.82
C ALA C 93 -27.79 3.71 9.58
N ASP C 94 -27.36 2.48 9.34
CA ASP C 94 -27.73 1.77 8.13
C ASP C 94 -29.07 1.04 8.24
N TYR C 95 -29.45 0.60 9.43
CA TYR C 95 -30.60 -0.28 9.59
C TYR C 95 -31.68 0.25 10.53
N ASN C 96 -31.50 1.41 11.14
CA ASN C 96 -32.48 1.89 12.11
C ASN C 96 -32.93 3.31 11.83
N TYR C 97 -32.00 4.27 11.81
CA TYR C 97 -32.35 5.67 11.60
C TYR C 97 -31.22 6.34 10.84
N LYS C 98 -31.47 6.66 9.57
CA LYS C 98 -30.47 7.28 8.71
C LYS C 98 -30.86 8.72 8.43
N LEU C 99 -29.90 9.63 8.60
CA LEU C 99 -30.01 11.05 8.28
C LEU C 99 -29.42 11.32 6.91
N PRO C 100 -30.03 12.22 6.13
CA PRO C 100 -29.52 12.50 4.77
C PRO C 100 -28.16 13.18 4.82
N ASP C 101 -27.53 13.22 3.65
CA ASP C 101 -26.21 13.86 3.55
C ASP C 101 -26.33 15.37 3.62
N ASP C 102 -27.43 15.94 3.11
CA ASP C 102 -27.70 17.37 3.19
C ASP C 102 -28.67 17.69 4.32
N PHE C 103 -28.51 17.04 5.48
CA PHE C 103 -29.44 17.21 6.59
C PHE C 103 -29.34 18.61 7.16
N THR C 104 -30.49 19.27 7.33
CA THR C 104 -30.58 20.58 7.94
C THR C 104 -31.39 20.47 9.22
N GLY C 105 -30.72 20.58 10.36
CA GLY C 105 -31.39 20.43 11.64
C GLY C 105 -30.37 20.28 12.75
N CYS C 106 -30.89 19.93 13.93
CA CYS C 106 -30.07 19.72 15.12
C CYS C 106 -30.35 18.34 15.70
N VAL C 107 -29.34 17.78 16.35
CA VAL C 107 -29.46 16.49 17.03
C VAL C 107 -29.20 16.70 18.51
N ILE C 108 -30.09 16.17 19.35
CA ILE C 108 -30.02 16.34 20.79
C ILE C 108 -30.06 14.97 21.46
N ALA C 109 -29.22 14.78 22.46
CA ALA C 109 -29.14 13.52 23.19
C ALA C 109 -28.75 13.80 24.63
N TRP C 110 -29.22 12.95 25.54
CA TRP C 110 -28.81 13.06 26.94
C TRP C 110 -28.86 11.69 27.58
N ASN C 111 -27.94 11.46 28.51
CA ASN C 111 -27.85 10.18 29.20
C ASN C 111 -29.07 9.98 30.09
N SER C 112 -29.84 8.93 29.79
CA SER C 112 -31.03 8.61 30.56
C SER C 112 -30.85 7.28 31.29
N ASN C 113 -29.70 7.10 31.94
CA ASN C 113 -29.45 5.87 32.67
C ASN C 113 -30.35 5.74 33.90
N LYS C 114 -30.72 6.88 34.51
CA LYS C 114 -31.59 6.86 35.67
C LYS C 114 -33.06 6.65 35.32
N LEU C 115 -33.39 6.56 34.04
CA LEU C 115 -34.78 6.44 33.60
C LEU C 115 -35.07 5.17 32.82
N ASP C 116 -34.16 4.75 31.94
CA ASP C 116 -34.44 3.68 31.00
C ASP C 116 -33.67 2.40 31.29
N SER C 117 -33.03 2.29 32.46
CA SER C 117 -32.25 1.12 32.82
C SER C 117 -32.75 0.53 34.13
N LYS C 118 -33.06 -0.76 34.12
CA LYS C 118 -33.51 -1.50 35.29
C LYS C 118 -32.39 -2.38 35.84
N VAL C 119 -32.56 -2.81 37.09
CA VAL C 119 -31.56 -3.66 37.71
C VAL C 119 -31.50 -5.02 37.03
N GLY C 120 -32.64 -5.52 36.57
CA GLY C 120 -32.70 -6.79 35.88
C GLY C 120 -32.56 -6.68 34.38
N GLY C 121 -32.24 -5.49 33.86
CA GLY C 121 -32.11 -5.30 32.44
C GLY C 121 -33.40 -4.79 31.82
N ASN C 122 -33.35 -3.64 31.16
CA ASN C 122 -34.53 -3.06 30.51
C ASN C 122 -34.50 -3.50 29.05
N TYR C 123 -35.04 -4.69 28.80
CA TYR C 123 -35.10 -5.25 27.46
C TYR C 123 -36.24 -4.69 26.63
N ASN C 124 -36.89 -3.62 27.10
CA ASN C 124 -38.00 -3.05 26.34
C ASN C 124 -37.51 -2.33 25.09
N TYR C 125 -36.36 -1.67 25.18
CA TYR C 125 -35.80 -0.98 24.02
C TYR C 125 -35.07 -1.97 23.12
N LEU C 126 -35.34 -1.88 21.82
CA LEU C 126 -34.82 -2.82 20.84
C LEU C 126 -34.03 -2.08 19.77
N TYR C 127 -33.39 -2.85 18.90
CA TYR C 127 -32.71 -2.32 17.73
C TYR C 127 -32.68 -3.40 16.65
N ARG C 128 -32.59 -2.97 15.40
CA ARG C 128 -32.56 -3.88 14.27
C ARG C 128 -31.12 -4.32 13.99
N LEU C 129 -30.91 -5.63 13.92
CA LEU C 129 -29.58 -6.20 13.70
C LEU C 129 -29.37 -6.66 12.26
N PHE C 130 -30.39 -7.23 11.62
CA PHE C 130 -30.28 -7.79 10.28
C PHE C 130 -31.19 -7.04 9.33
N ARG C 131 -30.66 -6.71 8.15
CA ARG C 131 -31.45 -6.13 7.08
C ARG C 131 -30.71 -6.34 5.77
N LYS C 132 -31.46 -6.63 4.71
CA LYS C 132 -30.84 -6.97 3.43
C LYS C 132 -30.13 -5.78 2.81
N SER C 133 -30.63 -4.57 3.02
CA SER C 133 -30.04 -3.36 2.44
C SER C 133 -30.16 -2.22 3.43
N ASN C 134 -29.49 -1.11 3.10
CA ASN C 134 -29.43 0.04 3.97
C ASN C 134 -30.73 0.85 3.89
N LEU C 135 -30.98 1.64 4.93
CA LEU C 135 -32.15 2.50 4.99
C LEU C 135 -31.95 3.79 4.22
N LYS C 136 -32.99 4.21 3.51
CA LYS C 136 -33.03 5.55 2.95
C LYS C 136 -33.24 6.57 4.07
N PRO C 137 -32.89 7.83 3.83
CA PRO C 137 -33.08 8.85 4.88
C PRO C 137 -34.54 8.97 5.31
N PHE C 138 -34.75 9.00 6.62
CA PHE C 138 -36.07 9.13 7.23
C PHE C 138 -36.99 7.96 6.90
N GLU C 139 -36.41 6.76 6.76
CA GLU C 139 -37.17 5.55 6.55
C GLU C 139 -37.34 4.81 7.89
N ARG C 140 -38.56 4.32 8.12
CA ARG C 140 -38.86 3.55 9.32
C ARG C 140 -39.30 2.15 8.92
N ASP C 141 -38.51 1.15 9.27
CA ASP C 141 -38.80 -0.25 8.98
C ASP C 141 -39.19 -0.94 10.28
N ILE C 142 -40.47 -1.27 10.42
CA ILE C 142 -40.98 -1.95 11.59
C ILE C 142 -41.22 -3.44 11.32
N SER C 143 -40.71 -3.96 10.21
CA SER C 143 -40.92 -5.36 9.87
C SER C 143 -40.21 -6.27 10.87
N THR C 144 -40.86 -7.38 11.21
CA THR C 144 -40.29 -8.39 12.09
C THR C 144 -40.19 -9.73 11.39
N GLU C 145 -40.07 -9.71 10.07
CA GLU C 145 -39.97 -10.95 9.31
C GLU C 145 -38.63 -11.62 9.60
N ILE C 146 -38.66 -12.94 9.71
CA ILE C 146 -37.44 -13.69 10.01
C ILE C 146 -36.44 -13.47 8.88
N TYR C 147 -35.27 -12.96 9.25
CA TYR C 147 -34.26 -12.61 8.25
C TYR C 147 -33.63 -13.86 7.66
N GLN C 148 -33.62 -13.95 6.33
CA GLN C 148 -33.09 -15.12 5.63
C GLN C 148 -31.62 -14.85 5.33
N ALA C 149 -30.74 -15.46 6.10
CA ALA C 149 -29.30 -15.28 5.93
C ALA C 149 -28.67 -16.35 5.04
N GLY C 150 -29.42 -17.37 4.65
CA GLY C 150 -28.90 -18.38 3.76
C GLY C 150 -29.72 -18.50 2.49
N ASN C 151 -29.59 -19.62 1.78
CA ASN C 151 -30.37 -19.86 0.57
C ASN C 151 -31.69 -20.56 0.85
N LYS C 152 -31.79 -21.30 1.95
CA LYS C 152 -33.02 -21.99 2.28
C LYS C 152 -34.04 -20.99 2.82
N PRO C 153 -35.28 -21.03 2.33
CA PRO C 153 -36.28 -20.07 2.82
C PRO C 153 -36.69 -20.36 4.26
N CYS C 154 -37.00 -19.29 4.99
CA CYS C 154 -37.31 -19.41 6.41
C CYS C 154 -38.75 -19.84 6.64
N ASN C 155 -39.70 -19.16 5.99
CA ASN C 155 -41.13 -19.42 6.17
C ASN C 155 -41.55 -19.15 7.62
N GLY C 156 -40.96 -18.11 8.21
CA GLY C 156 -41.27 -17.76 9.58
C GLY C 156 -40.79 -18.76 10.62
N VAL C 157 -39.69 -19.45 10.35
CA VAL C 157 -39.15 -20.46 11.26
C VAL C 157 -37.80 -19.95 11.75
N ALA C 158 -37.75 -19.53 13.01
CA ALA C 158 -36.52 -19.05 13.61
C ALA C 158 -35.58 -20.22 13.89
N GLY C 159 -34.32 -20.08 13.47
CA GLY C 159 -33.31 -21.09 13.71
C GLY C 159 -31.97 -20.73 13.10
N PHE C 160 -31.38 -21.66 12.35
CA PHE C 160 -30.11 -21.41 11.68
C PHE C 160 -30.35 -20.74 10.34
N ASN C 161 -29.53 -19.72 10.05
CA ASN C 161 -29.66 -18.87 8.87
C ASN C 161 -31.02 -18.19 8.78
N CYS C 162 -31.81 -18.26 9.85
CA CYS C 162 -33.15 -17.66 9.90
C CYS C 162 -33.29 -17.06 11.29
N TYR C 163 -32.88 -15.80 11.42
CA TYR C 163 -32.78 -15.13 12.70
C TYR C 163 -33.79 -13.99 12.79
N PHE C 164 -34.23 -13.71 14.00
CA PHE C 164 -35.14 -12.59 14.23
C PHE C 164 -34.38 -11.29 14.04
N PRO C 165 -34.91 -10.35 13.26
CA PRO C 165 -34.11 -9.16 12.87
C PRO C 165 -33.98 -8.11 13.95
N LEU C 166 -34.51 -8.34 15.15
CA LEU C 166 -34.48 -7.36 16.22
C LEU C 166 -33.78 -7.95 17.45
N ARG C 167 -32.99 -7.12 18.12
CA ARG C 167 -32.26 -7.51 19.30
C ARG C 167 -32.56 -6.53 20.43
N SER C 168 -32.45 -7.00 21.66
CA SER C 168 -32.72 -6.17 22.82
C SER C 168 -31.44 -5.48 23.30
N TYR C 169 -31.63 -4.36 23.99
CA TYR C 169 -30.50 -3.59 24.50
C TYR C 169 -30.08 -4.03 25.89
N GLY C 170 -31.03 -4.43 26.73
CA GLY C 170 -30.74 -4.86 28.09
C GLY C 170 -30.00 -3.81 28.88
N PHE C 171 -30.60 -2.63 29.01
CA PHE C 171 -29.94 -1.52 29.69
C PHE C 171 -29.89 -1.77 31.19
N ARG C 172 -28.69 -1.93 31.72
CA ARG C 172 -28.46 -2.03 33.15
C ARG C 172 -27.76 -0.78 33.66
N PRO C 173 -28.10 -0.30 34.86
CA PRO C 173 -27.53 0.98 35.32
C PRO C 173 -26.05 0.88 35.67
N THR C 174 -25.51 -0.31 35.85
CA THR C 174 -24.09 -0.49 36.16
C THR C 174 -23.23 -0.65 34.92
N TYR C 175 -23.82 -0.60 33.73
CA TYR C 175 -23.08 -0.76 32.50
C TYR C 175 -22.08 0.39 32.32
N GLY C 176 -21.24 0.25 31.29
CA GLY C 176 -20.36 1.34 30.93
C GLY C 176 -21.11 2.48 30.28
N VAL C 177 -20.51 3.68 30.37
CA VAL C 177 -21.13 4.89 29.83
C VAL C 177 -21.54 4.68 28.38
N GLY C 178 -20.67 4.06 27.59
CA GLY C 178 -20.98 3.80 26.19
C GLY C 178 -22.13 2.84 25.98
N HIS C 179 -22.43 2.00 26.96
CA HIS C 179 -23.51 1.03 26.87
C HIS C 179 -24.72 1.42 27.71
N GLN C 180 -24.76 2.66 28.21
CA GLN C 180 -25.92 3.18 28.93
C GLN C 180 -26.91 3.81 27.97
N PRO C 181 -28.20 3.82 28.31
CA PRO C 181 -29.21 4.33 27.37
C PRO C 181 -29.13 5.84 27.21
N TYR C 182 -29.30 6.29 25.98
CA TYR C 182 -29.34 7.72 25.65
C TYR C 182 -30.60 8.02 24.87
N ARG C 183 -31.35 9.02 25.32
CA ARG C 183 -32.54 9.47 24.61
C ARG C 183 -32.14 10.53 23.58
N VAL C 184 -32.58 10.34 22.34
CA VAL C 184 -32.21 11.21 21.24
C VAL C 184 -33.47 11.87 20.68
N VAL C 185 -33.37 13.16 20.37
CA VAL C 185 -34.43 13.92 19.73
C VAL C 185 -33.83 14.67 18.55
N VAL C 186 -34.24 14.30 17.34
CA VAL C 186 -33.74 14.91 16.12
C VAL C 186 -34.81 15.85 15.57
N LEU C 187 -34.46 17.12 15.40
CA LEU C 187 -35.37 18.14 14.89
C LEU C 187 -35.00 18.44 13.44
N SER C 188 -35.90 18.10 12.51
CA SER C 188 -35.70 18.36 11.09
C SER C 188 -36.45 19.64 10.72
N PHE C 189 -35.76 20.53 10.01
CA PHE C 189 -36.33 21.81 9.59
C PHE C 189 -36.54 21.76 8.07
N GLU C 190 -37.80 21.79 7.66
CA GLU C 190 -38.18 21.71 6.26
C GLU C 190 -38.65 23.07 5.77
N LEU C 191 -38.30 23.40 4.52
CA LEU C 191 -38.72 24.67 3.91
C LEU C 191 -38.87 24.42 2.40
N LEU C 192 -40.04 23.93 2.02
CA LEU C 192 -40.41 23.72 0.63
C LEU C 192 -41.46 24.75 0.22
N HIS C 193 -41.87 24.67 -1.04
CA HIS C 193 -42.90 25.56 -1.57
C HIS C 193 -44.20 25.40 -0.79
N ALA C 194 -44.31 26.11 0.34
CA ALA C 194 -45.48 26.04 1.19
C ALA C 194 -45.49 27.26 2.10
N PRO C 195 -46.64 27.59 2.69
CA PRO C 195 -46.67 28.71 3.63
C PRO C 195 -45.94 28.37 4.93
N ALA C 196 -44.99 29.20 5.31
CA ALA C 196 -44.22 28.99 6.53
C ALA C 196 -45.08 29.32 7.75
N THR C 197 -45.22 28.35 8.65
CA THR C 197 -46.09 28.49 9.81
C THR C 197 -45.39 28.35 11.15
N VAL C 198 -44.19 27.79 11.20
CA VAL C 198 -43.45 27.59 12.44
C VAL C 198 -42.37 28.64 12.51
N CYS C 199 -42.65 29.75 13.20
CA CYS C 199 -41.69 30.82 13.43
C CYS C 199 -41.30 30.86 14.90
N GLY C 200 -40.30 31.68 15.20
CA GLY C 200 -39.81 31.85 16.56
C GLY C 200 -40.18 33.21 17.13
N LYS C 201 -40.03 33.32 18.45
CA LYS C 201 -40.28 34.57 19.16
C LYS C 201 -39.60 34.57 20.53
N GLN D 1 24.54 28.56 -2.08
CA GLN D 1 23.50 28.70 -3.09
C GLN D 1 23.59 27.62 -4.16
N VAL D 2 22.80 26.56 -3.99
CA VAL D 2 22.68 25.48 -4.96
C VAL D 2 21.34 25.66 -5.66
N GLN D 3 21.37 26.00 -6.94
CA GLN D 3 20.14 26.30 -7.67
C GLN D 3 20.39 26.23 -9.16
N LEU D 4 19.31 25.96 -9.90
CA LEU D 4 19.30 26.00 -11.36
C LEU D 4 18.32 27.07 -11.82
N VAL D 5 18.75 27.92 -12.75
CA VAL D 5 17.95 29.04 -13.23
C VAL D 5 17.74 28.87 -14.73
N GLU D 6 16.50 28.61 -15.13
CA GLU D 6 16.15 28.48 -16.53
C GLU D 6 15.78 29.82 -17.16
N SER D 7 15.95 29.90 -18.47
CA SER D 7 15.53 31.05 -19.25
C SER D 7 15.46 30.65 -20.72
N GLY D 8 14.90 31.54 -21.54
CA GLY D 8 14.82 31.33 -22.97
C GLY D 8 13.48 30.88 -23.49
N GLY D 9 12.56 30.46 -22.62
CA GLY D 9 11.24 30.06 -23.06
C GLY D 9 10.39 31.25 -23.49
N GLY D 10 9.29 30.93 -24.16
CA GLY D 10 8.38 31.96 -24.62
C GLY D 10 7.47 31.42 -25.71
N LEU D 11 6.88 32.35 -26.46
CA LEU D 11 5.96 32.03 -27.54
C LEU D 11 6.70 32.03 -28.87
N ILE D 12 6.42 31.02 -29.70
CA ILE D 12 7.08 30.86 -30.98
C ILE D 12 6.15 30.06 -31.89
N GLN D 13 6.18 30.39 -33.18
CA GLN D 13 5.33 29.70 -34.13
C GLN D 13 5.92 28.33 -34.47
N PRO D 14 5.08 27.36 -34.86
CA PRO D 14 5.59 26.02 -35.19
C PRO D 14 6.64 26.07 -36.29
N GLY D 15 7.64 25.21 -36.16
CA GLY D 15 8.77 25.20 -37.06
C GLY D 15 9.89 26.14 -36.69
N GLY D 16 9.63 27.11 -35.81
CA GLY D 16 10.66 28.01 -35.36
C GLY D 16 11.67 27.32 -34.47
N SER D 17 12.65 28.11 -34.02
CA SER D 17 13.73 27.60 -33.20
C SER D 17 13.78 28.36 -31.88
N LEU D 18 14.21 27.65 -30.84
CA LEU D 18 14.22 28.21 -29.48
C LEU D 18 15.30 27.51 -28.68
N ARG D 19 16.05 28.30 -27.92
CA ARG D 19 17.18 27.79 -27.14
C ARG D 19 16.95 28.10 -25.67
N LEU D 20 16.87 27.05 -24.85
CA LEU D 20 16.72 27.19 -23.41
C LEU D 20 18.08 27.13 -22.72
N SER D 21 18.24 27.95 -21.68
CA SER D 21 19.47 28.00 -20.91
C SER D 21 19.18 27.61 -19.47
N CYS D 22 20.20 27.07 -18.81
CA CYS D 22 20.08 26.58 -17.43
C CYS D 22 21.35 26.96 -16.68
N ALA D 23 21.32 28.10 -16.00
CA ALA D 23 22.49 28.61 -15.29
C ALA D 23 22.55 27.98 -13.90
N ALA D 24 23.68 27.33 -13.60
CA ALA D 24 23.85 26.59 -12.37
C ALA D 24 24.87 27.27 -11.46
N SER D 25 24.64 27.14 -10.15
CA SER D 25 25.60 27.56 -9.15
C SER D 25 25.59 26.54 -8.02
N GLY D 26 26.78 26.09 -7.60
CA GLY D 26 26.88 25.02 -6.64
C GLY D 26 27.18 23.69 -7.28
N VAL D 27 26.36 23.28 -8.23
CA VAL D 27 26.56 22.05 -8.99
C VAL D 27 27.30 22.39 -10.28
N THR D 28 28.28 21.56 -10.63
CA THR D 28 29.06 21.74 -11.85
C THR D 28 28.41 20.94 -12.98
N VAL D 29 28.05 21.64 -14.06
CA VAL D 29 27.32 20.99 -15.16
C VAL D 29 28.21 19.98 -15.88
N SER D 30 29.47 20.34 -16.12
CA SER D 30 30.37 19.47 -16.86
C SER D 30 30.78 18.22 -16.09
N SER D 31 30.35 18.09 -14.83
CA SER D 31 30.70 16.93 -14.01
C SER D 31 29.52 16.05 -13.64
N ASN D 32 28.31 16.36 -14.12
CA ASN D 32 27.12 15.67 -13.66
C ASN D 32 26.28 15.19 -14.84
N TYR D 33 25.39 14.24 -14.53
CA TYR D 33 24.31 13.88 -15.44
C TYR D 33 23.26 14.98 -15.41
N MET D 34 23.11 15.72 -16.50
CA MET D 34 22.14 16.81 -16.58
C MET D 34 21.02 16.41 -17.52
N SER D 35 19.77 16.61 -17.09
CA SER D 35 18.61 16.15 -17.83
C SER D 35 17.63 17.30 -18.05
N TRP D 36 16.88 17.19 -19.14
CA TRP D 36 15.77 18.08 -19.43
C TRP D 36 14.47 17.28 -19.31
N VAL D 37 13.55 17.77 -18.48
CA VAL D 37 12.24 17.16 -18.30
C VAL D 37 11.19 18.22 -18.55
N ARG D 38 10.16 17.87 -19.33
CA ARG D 38 9.10 18.80 -19.67
C ARG D 38 7.76 18.27 -19.18
N GLN D 39 6.80 19.18 -19.00
CA GLN D 39 5.47 18.85 -18.49
C GLN D 39 4.44 19.70 -19.21
N ALA D 40 3.63 19.07 -20.05
CA ALA D 40 2.56 19.77 -20.74
C ALA D 40 1.51 20.24 -19.74
N PRO D 41 0.69 21.22 -20.11
CA PRO D 41 -0.37 21.68 -19.20
C PRO D 41 -1.32 20.54 -18.83
N GLY D 42 -1.38 20.24 -17.54
CA GLY D 42 -2.29 19.23 -17.03
C GLY D 42 -1.86 17.80 -17.27
N LYS D 43 -0.66 17.57 -17.78
CA LYS D 43 -0.15 16.22 -18.02
C LYS D 43 1.02 15.94 -17.09
N GLY D 44 1.58 14.74 -17.23
CA GLY D 44 2.66 14.30 -16.38
C GLY D 44 4.03 14.74 -16.87
N LEU D 45 5.05 14.28 -16.16
CA LEU D 45 6.43 14.61 -16.50
C LEU D 45 6.92 13.72 -17.63
N GLU D 46 7.78 14.29 -18.49
CA GLU D 46 8.33 13.57 -19.63
C GLU D 46 9.81 13.91 -19.75
N TRP D 47 10.66 12.88 -19.70
CA TRP D 47 12.08 13.09 -19.90
C TRP D 47 12.37 13.40 -21.36
N VAL D 48 13.28 14.34 -21.59
CA VAL D 48 13.56 14.80 -22.94
C VAL D 48 14.97 14.35 -23.35
N SER D 49 15.98 14.87 -22.66
CA SER D 49 17.37 14.60 -23.04
C SER D 49 18.22 14.52 -21.78
N ILE D 50 19.39 13.89 -21.93
CA ILE D 50 20.37 13.79 -20.86
C ILE D 50 21.76 13.90 -21.48
N ILE D 51 22.69 14.48 -20.72
CA ILE D 51 24.08 14.58 -21.14
C ILE D 51 24.97 14.04 -20.02
N TYR D 52 25.74 13.01 -20.33
CA TYR D 52 26.64 12.44 -19.35
C TYR D 52 27.81 13.38 -19.08
N SER D 53 28.45 13.19 -17.92
CA SER D 53 29.66 13.96 -17.62
C SER D 53 30.77 13.66 -18.62
N GLY D 54 30.78 12.45 -19.18
CA GLY D 54 31.74 12.08 -20.20
C GLY D 54 31.42 12.54 -21.59
N GLY D 55 30.24 13.14 -21.80
CA GLY D 55 29.85 13.68 -23.09
C GLY D 55 28.77 12.90 -23.80
N THR D 56 28.48 11.67 -23.37
CA THR D 56 27.44 10.88 -24.02
C THR D 56 26.08 11.54 -23.83
N THR D 57 25.34 11.70 -24.93
CA THR D 57 24.02 12.29 -24.91
C THR D 57 22.97 11.27 -25.35
N TYR D 58 21.74 11.48 -24.89
CA TYR D 58 20.61 10.61 -25.15
C TYR D 58 19.36 11.46 -25.25
N TYR D 59 18.53 11.18 -26.26
CA TYR D 59 17.35 11.97 -26.53
C TYR D 59 16.13 11.07 -26.58
N ALA D 60 14.98 11.63 -26.22
CA ALA D 60 13.72 10.91 -26.36
C ALA D 60 13.38 10.75 -27.83
N ASP D 61 12.58 9.72 -28.13
CA ASP D 61 12.21 9.44 -29.51
C ASP D 61 11.47 10.61 -30.15
N SER D 62 10.65 11.32 -29.36
CA SER D 62 9.83 12.38 -29.92
C SER D 62 10.64 13.63 -30.28
N VAL D 63 11.85 13.78 -29.73
CA VAL D 63 12.66 14.96 -29.95
C VAL D 63 13.98 14.62 -30.64
N LYS D 64 14.18 13.36 -31.03
CA LYS D 64 15.37 13.01 -31.80
C LYS D 64 15.38 13.74 -33.13
N GLY D 65 16.54 14.30 -33.49
CA GLY D 65 16.69 15.04 -34.73
C GLY D 65 16.19 16.46 -34.69
N ARG D 66 15.57 16.89 -33.60
CA ARG D 66 15.08 18.26 -33.45
C ARG D 66 15.72 18.99 -32.28
N PHE D 67 15.91 18.34 -31.14
CA PHE D 67 16.51 18.96 -29.98
C PHE D 67 17.97 18.54 -29.88
N THR D 68 18.80 19.44 -29.35
CA THR D 68 20.22 19.18 -29.16
C THR D 68 20.64 19.72 -27.81
N ILE D 69 21.00 18.83 -26.90
CA ILE D 69 21.48 19.23 -25.58
C ILE D 69 22.96 19.54 -25.66
N SER D 70 23.40 20.52 -24.87
CA SER D 70 24.79 20.95 -24.87
C SER D 70 25.05 21.66 -23.56
N ARG D 71 26.33 22.01 -23.35
CA ARG D 71 26.73 22.72 -22.14
C ARG D 71 27.96 23.56 -22.44
N ASP D 72 28.11 24.64 -21.69
CA ASP D 72 29.27 25.52 -21.78
C ASP D 72 30.00 25.44 -20.44
N SER D 73 31.13 24.74 -20.44
CA SER D 73 31.85 24.51 -19.19
C SER D 73 32.31 25.82 -18.55
N SER D 74 32.66 26.82 -19.37
CA SER D 74 33.10 28.10 -18.82
C SER D 74 31.93 28.88 -18.21
N MET D 75 30.73 28.77 -18.79
CA MET D 75 29.57 29.47 -18.27
C MET D 75 28.84 28.72 -17.17
N ASN D 76 29.13 27.43 -16.97
CA ASN D 76 28.37 26.57 -16.07
C ASN D 76 26.87 26.65 -16.39
N THR D 77 26.56 26.34 -17.65
CA THR D 77 25.20 26.47 -18.15
C THR D 77 24.86 25.27 -19.02
N LEU D 78 23.65 24.75 -18.85
CA LEU D 78 23.11 23.69 -19.69
C LEU D 78 22.16 24.29 -20.72
N TYR D 79 22.22 23.78 -21.94
CA TYR D 79 21.42 24.31 -23.04
C TYR D 79 20.60 23.21 -23.68
N LEU D 80 19.45 23.61 -24.24
CA LEU D 80 18.61 22.72 -25.03
C LEU D 80 18.16 23.50 -26.27
N GLN D 81 18.77 23.20 -27.42
CA GLN D 81 18.43 23.85 -28.67
C GLN D 81 17.26 23.12 -29.31
N MET D 82 16.12 23.80 -29.43
CA MET D 82 14.88 23.20 -29.87
C MET D 82 14.51 23.75 -31.25
N ASN D 83 14.68 22.94 -32.28
CA ASN D 83 14.33 23.30 -33.65
C ASN D 83 13.09 22.55 -34.09
N SER D 84 12.48 23.05 -35.18
CA SER D 84 11.29 22.44 -35.78
C SER D 84 10.20 22.24 -34.73
N LEU D 85 9.99 23.26 -33.90
CA LEU D 85 9.05 23.15 -32.80
C LEU D 85 7.65 22.88 -33.30
N ARG D 86 6.92 22.05 -32.56
CA ARG D 86 5.55 21.67 -32.88
C ARG D 86 4.66 21.98 -31.68
N ALA D 87 3.35 21.92 -31.91
CA ALA D 87 2.40 22.21 -30.84
C ALA D 87 2.60 21.30 -29.64
N GLU D 88 2.90 20.02 -29.89
CA GLU D 88 3.08 19.07 -28.80
C GLU D 88 4.34 19.33 -27.98
N ASP D 89 5.18 20.27 -28.38
CA ASP D 89 6.31 20.68 -27.55
C ASP D 89 5.92 21.71 -26.50
N THR D 90 4.68 22.22 -26.53
CA THR D 90 4.23 23.18 -25.54
C THR D 90 4.22 22.55 -24.14
N ALA D 91 5.09 23.05 -23.26
CA ALA D 91 5.23 22.49 -21.92
C ALA D 91 6.13 23.42 -21.12
N VAL D 92 6.13 23.21 -19.81
CA VAL D 92 7.14 23.81 -18.93
C VAL D 92 8.38 22.92 -18.95
N TYR D 93 9.53 23.51 -19.23
CA TYR D 93 10.76 22.75 -19.44
C TYR D 93 11.69 22.92 -18.25
N TYR D 94 11.94 21.83 -17.54
CA TYR D 94 12.83 21.83 -16.39
C TYR D 94 14.20 21.27 -16.78
N CYS D 95 15.25 21.92 -16.29
CA CYS D 95 16.58 21.32 -16.27
C CYS D 95 16.84 20.76 -14.87
N ALA D 96 17.58 19.67 -14.82
CA ALA D 96 17.76 18.97 -13.56
C ALA D 96 19.07 18.22 -13.54
N ARG D 97 19.61 18.02 -12.34
CA ARG D 97 20.82 17.24 -12.12
C ARG D 97 20.41 15.82 -11.78
N ASP D 98 20.77 14.86 -12.63
CA ASP D 98 20.40 13.48 -12.46
C ASP D 98 21.49 12.73 -11.71
N LEU D 99 21.07 11.92 -10.73
CA LEU D 99 21.98 11.09 -9.95
C LEU D 99 21.78 9.60 -10.23
N MET D 100 21.24 9.25 -11.39
CA MET D 100 21.00 7.87 -11.79
C MET D 100 20.26 7.07 -10.73
N VAL D 101 20.98 6.23 -10.00
CA VAL D 101 20.36 5.39 -8.99
C VAL D 101 19.94 6.20 -7.77
N TYR D 102 20.52 7.38 -7.58
CA TYR D 102 20.18 8.25 -6.46
C TYR D 102 19.08 9.25 -6.79
N GLY D 103 18.36 9.04 -7.89
CA GLY D 103 17.25 9.90 -8.25
C GLY D 103 17.67 11.16 -8.96
N ILE D 104 16.71 12.09 -9.05
CA ILE D 104 16.92 13.42 -9.60
C ILE D 104 16.65 14.40 -8.47
N ASP D 105 17.71 15.02 -7.94
CA ASP D 105 17.62 15.78 -6.71
C ASP D 105 17.44 17.28 -6.92
N VAL D 106 18.09 17.87 -7.92
CA VAL D 106 18.09 19.31 -8.12
C VAL D 106 17.23 19.64 -9.33
N TRP D 107 16.20 20.44 -9.13
CA TRP D 107 15.31 20.89 -10.20
C TRP D 107 15.35 22.40 -10.30
N GLY D 108 15.23 22.90 -11.53
CA GLY D 108 15.05 24.33 -11.74
C GLY D 108 13.59 24.74 -11.61
N GLN D 109 13.36 26.05 -11.61
CA GLN D 109 12.01 26.55 -11.47
C GLN D 109 11.17 26.33 -12.73
N GLY D 110 11.81 26.14 -13.88
CA GLY D 110 11.10 25.88 -15.11
C GLY D 110 10.86 27.12 -15.95
N THR D 111 10.96 26.97 -17.26
CA THR D 111 10.64 28.01 -18.22
C THR D 111 9.55 27.50 -19.16
N THR D 112 8.62 28.37 -19.50
CA THR D 112 7.43 27.98 -20.26
C THR D 112 7.64 28.22 -21.75
N VAL D 113 7.40 27.17 -22.54
CA VAL D 113 7.50 27.23 -23.99
C VAL D 113 6.13 26.94 -24.58
N THR D 114 5.64 27.83 -25.43
CA THR D 114 4.34 27.69 -26.07
C THR D 114 4.52 27.78 -27.57
N VAL D 115 4.13 26.73 -28.29
CA VAL D 115 4.27 26.65 -29.73
C VAL D 115 2.87 26.62 -30.33
N SER D 116 2.52 27.68 -31.07
CA SER D 116 1.19 27.77 -31.67
C SER D 116 1.25 28.68 -32.90
N SER D 117 0.44 28.34 -33.89
CA SER D 117 0.30 29.11 -35.11
C SER D 117 -0.76 30.21 -34.99
N ALA D 118 -1.09 30.62 -33.77
CA ALA D 118 -2.16 31.58 -33.53
C ALA D 118 -1.60 32.98 -33.36
N SER D 119 -2.39 33.97 -33.75
CA SER D 119 -2.02 35.36 -33.60
C SER D 119 -2.57 35.93 -32.30
N THR D 120 -2.01 37.06 -31.90
CA THR D 120 -2.45 37.75 -30.69
C THR D 120 -3.85 38.32 -30.90
N LYS D 121 -4.78 37.96 -30.03
CA LYS D 121 -6.17 38.38 -30.15
C LYS D 121 -6.76 38.68 -28.78
N GLY D 122 -7.49 39.79 -28.69
CA GLY D 122 -8.21 40.14 -27.49
C GLY D 122 -9.48 39.34 -27.35
N PRO D 123 -9.90 39.08 -26.11
CA PRO D 123 -11.06 38.22 -25.89
C PRO D 123 -12.38 38.94 -26.02
N SER D 124 -13.39 38.20 -26.45
CA SER D 124 -14.77 38.65 -26.38
C SER D 124 -15.37 38.22 -25.05
N VAL D 125 -16.06 39.15 -24.39
CA VAL D 125 -16.64 38.90 -23.07
C VAL D 125 -18.15 38.87 -23.22
N PHE D 126 -18.75 37.72 -22.96
CA PHE D 126 -20.18 37.58 -23.06
C PHE D 126 -20.80 37.32 -21.69
N PRO D 127 -21.98 37.86 -21.41
CA PRO D 127 -22.57 37.68 -20.09
C PRO D 127 -23.26 36.33 -19.93
N LEU D 128 -23.04 35.72 -18.78
CA LEU D 128 -23.76 34.51 -18.39
C LEU D 128 -24.85 34.98 -17.42
N ALA D 129 -26.03 35.27 -17.96
CA ALA D 129 -27.10 35.93 -17.24
C ALA D 129 -27.77 34.95 -16.28
N PRO D 130 -28.21 35.41 -15.12
CA PRO D 130 -28.89 34.51 -14.18
C PRO D 130 -30.30 34.19 -14.67
N SER D 131 -30.68 32.92 -14.48
CA SER D 131 -31.95 32.44 -15.01
C SER D 131 -33.13 33.07 -14.27
N SER D 132 -34.25 33.17 -14.98
CA SER D 132 -35.49 33.60 -14.35
C SER D 132 -36.00 32.58 -13.34
N LYS D 133 -35.54 31.33 -13.44
CA LYS D 133 -35.91 30.28 -12.49
C LYS D 133 -34.90 30.21 -11.36
N GLY D 138 -32.43 29.70 -3.24
CA GLY D 138 -31.93 30.69 -2.31
C GLY D 138 -30.82 31.53 -2.88
N THR D 139 -29.97 30.91 -3.71
CA THR D 139 -28.86 31.60 -4.35
C THR D 139 -28.86 31.30 -5.84
N ALA D 140 -28.52 32.30 -6.65
CA ALA D 140 -28.45 32.19 -8.09
C ALA D 140 -27.02 32.42 -8.54
N ALA D 141 -26.75 32.04 -9.79
CA ALA D 141 -25.40 32.12 -10.36
C ALA D 141 -25.40 33.04 -11.58
N LEU D 142 -24.34 33.84 -11.68
CA LEU D 142 -24.10 34.69 -12.84
C LEU D 142 -22.61 34.66 -13.14
N GLY D 143 -22.25 35.03 -14.37
CA GLY D 143 -20.85 34.97 -14.73
C GLY D 143 -20.58 35.61 -16.07
N CYS D 144 -19.33 35.50 -16.49
CA CYS D 144 -18.85 36.05 -17.76
C CYS D 144 -18.12 34.96 -18.53
N LEU D 145 -18.28 34.98 -19.85
CA LEU D 145 -17.61 34.03 -20.74
C LEU D 145 -16.53 34.77 -21.51
N VAL D 146 -15.27 34.51 -21.16
CA VAL D 146 -14.13 35.11 -21.82
C VAL D 146 -13.69 34.13 -22.91
N LYS D 147 -14.09 34.42 -24.15
CA LYS D 147 -13.96 33.48 -25.26
C LYS D 147 -13.01 34.03 -26.33
N ASP D 148 -12.21 33.13 -26.90
CA ASP D 148 -11.38 33.42 -28.08
C ASP D 148 -10.34 34.48 -27.80
N TYR D 149 -9.26 34.12 -27.12
CA TYR D 149 -8.12 35.00 -26.90
C TYR D 149 -6.84 34.20 -27.01
N PHE D 150 -5.73 34.93 -27.13
CA PHE D 150 -4.41 34.33 -27.27
C PHE D 150 -3.33 35.40 -27.14
N PRO D 151 -2.25 35.13 -26.40
CA PRO D 151 -2.06 33.89 -25.62
C PRO D 151 -2.52 34.03 -24.17
N GLU D 152 -2.14 33.07 -23.34
CA GLU D 152 -2.37 33.18 -21.92
C GLU D 152 -1.54 34.31 -21.34
N PRO D 153 -1.97 34.89 -20.20
CA PRO D 153 -3.22 34.63 -19.50
C PRO D 153 -4.16 35.84 -19.49
N VAL D 154 -5.34 35.67 -18.90
CA VAL D 154 -6.24 36.77 -18.60
C VAL D 154 -6.47 36.80 -17.09
N THR D 155 -6.81 37.97 -16.58
CA THR D 155 -7.18 38.15 -15.19
C THR D 155 -8.57 38.75 -15.13
N VAL D 156 -9.42 38.21 -14.26
CA VAL D 156 -10.82 38.60 -14.18
C VAL D 156 -11.14 38.96 -12.73
N SER D 157 -11.74 40.13 -12.54
CA SER D 157 -12.22 40.57 -11.24
C SER D 157 -13.69 40.95 -11.36
N TRP D 158 -14.34 41.10 -10.21
CA TRP D 158 -15.77 41.41 -10.17
C TRP D 158 -15.98 42.69 -9.36
N ASN D 159 -16.68 43.65 -9.95
CA ASN D 159 -16.92 44.95 -9.33
C ASN D 159 -15.62 45.59 -8.86
N SER D 160 -14.59 45.49 -9.70
CA SER D 160 -13.25 46.01 -9.40
C SER D 160 -12.70 45.44 -8.10
N GLY D 161 -13.00 44.16 -7.84
CA GLY D 161 -12.48 43.48 -6.68
C GLY D 161 -13.35 43.51 -5.45
N ALA D 162 -14.45 44.27 -5.47
CA ALA D 162 -15.31 44.37 -4.29
C ALA D 162 -16.05 43.05 -4.02
N LEU D 163 -16.28 42.25 -5.06
CA LEU D 163 -16.97 40.98 -4.93
C LEU D 163 -15.96 39.86 -5.06
N THR D 164 -15.69 39.17 -3.94
CA THR D 164 -14.74 38.07 -3.89
C THR D 164 -15.33 36.77 -3.37
N SER D 165 -16.35 36.82 -2.53
CA SER D 165 -16.93 35.61 -1.98
C SER D 165 -17.74 34.87 -3.04
N GLY D 166 -17.50 33.56 -3.15
CA GLY D 166 -18.25 32.73 -4.08
C GLY D 166 -17.83 32.85 -5.52
N VAL D 167 -16.65 33.41 -5.80
CA VAL D 167 -16.16 33.60 -7.16
C VAL D 167 -15.27 32.43 -7.53
N HIS D 168 -15.51 31.86 -8.71
CA HIS D 168 -14.69 30.78 -9.27
C HIS D 168 -14.27 31.17 -10.68
N THR D 169 -12.99 31.46 -10.86
CA THR D 169 -12.42 31.73 -12.18
C THR D 169 -11.75 30.44 -12.66
N PHE D 170 -12.35 29.81 -13.66
CA PHE D 170 -11.89 28.51 -14.13
C PHE D 170 -10.65 28.64 -14.99
N PRO D 171 -9.79 27.63 -14.98
CA PRO D 171 -8.68 27.61 -15.94
C PRO D 171 -9.18 27.51 -17.36
N ALA D 172 -8.49 28.18 -18.27
CA ALA D 172 -8.93 28.25 -19.65
C ALA D 172 -8.81 26.88 -20.33
N VAL D 173 -9.60 26.70 -21.39
CA VAL D 173 -9.50 25.54 -22.25
C VAL D 173 -9.02 26.00 -23.62
N LEU D 174 -8.24 25.15 -24.28
CA LEU D 174 -7.72 25.44 -25.60
C LEU D 174 -8.66 24.88 -26.66
N GLN D 175 -9.28 25.77 -27.43
CA GLN D 175 -10.23 25.34 -28.44
C GLN D 175 -9.51 24.86 -29.70
N SER D 176 -10.25 24.12 -30.53
CA SER D 176 -9.70 23.64 -31.80
C SER D 176 -9.26 24.77 -32.71
N SER D 177 -9.82 25.97 -32.53
CA SER D 177 -9.39 27.14 -33.28
C SER D 177 -8.01 27.63 -32.86
N GLY D 178 -7.44 27.08 -31.79
CA GLY D 178 -6.18 27.54 -31.27
C GLY D 178 -6.27 28.69 -30.28
N LEU D 179 -7.48 29.18 -30.00
CA LEU D 179 -7.68 30.28 -29.07
C LEU D 179 -8.26 29.76 -27.76
N TYR D 180 -7.87 30.39 -26.66
CA TYR D 180 -8.31 29.95 -25.34
C TYR D 180 -9.71 30.50 -25.04
N SER D 181 -10.47 29.71 -24.28
CA SER D 181 -11.78 30.09 -23.80
C SER D 181 -11.83 29.90 -22.28
N LEU D 182 -12.54 30.80 -21.60
CA LEU D 182 -12.51 30.82 -20.14
C LEU D 182 -13.83 31.38 -19.63
N SER D 183 -14.22 30.91 -18.44
CA SER D 183 -15.45 31.34 -17.78
C SER D 183 -15.17 31.63 -16.32
N SER D 184 -15.85 32.64 -15.79
CA SER D 184 -15.76 33.00 -14.37
C SER D 184 -17.16 33.28 -13.86
N VAL D 185 -17.59 32.54 -12.84
CA VAL D 185 -18.94 32.64 -12.31
C VAL D 185 -18.87 33.05 -10.85
N VAL D 186 -20.00 33.54 -10.34
CA VAL D 186 -20.13 33.91 -8.93
C VAL D 186 -21.56 33.60 -8.51
N THR D 187 -21.71 33.07 -7.29
CA THR D 187 -23.01 32.81 -6.71
C THR D 187 -23.33 33.88 -5.68
N VAL D 188 -24.51 34.47 -5.80
CA VAL D 188 -24.95 35.55 -4.91
C VAL D 188 -26.35 35.22 -4.42
N PRO D 189 -26.80 35.86 -3.34
CA PRO D 189 -28.21 35.71 -2.95
C PRO D 189 -29.13 36.26 -4.03
N SER D 190 -30.23 35.52 -4.27
CA SER D 190 -31.20 35.93 -5.28
C SER D 190 -31.83 37.28 -4.96
N SER D 191 -31.82 37.70 -3.69
CA SER D 191 -32.46 38.95 -3.30
C SER D 191 -31.67 40.18 -3.72
N SER D 192 -30.38 40.04 -4.02
CA SER D 192 -29.51 41.17 -4.31
C SER D 192 -29.29 41.40 -5.81
N LEU D 193 -29.83 40.52 -6.66
CA LEU D 193 -29.53 40.57 -8.09
C LEU D 193 -30.02 41.85 -8.76
N GLY D 194 -30.98 42.56 -8.16
CA GLY D 194 -31.51 43.75 -8.79
C GLY D 194 -31.43 44.98 -7.91
N THR D 195 -30.67 44.89 -6.82
CA THR D 195 -30.22 46.06 -6.08
C THR D 195 -28.71 46.22 -6.14
N GLN D 196 -27.99 45.20 -6.57
CA GLN D 196 -26.54 45.23 -6.73
C GLN D 196 -26.23 44.85 -8.18
N THR D 197 -25.44 45.69 -8.84
CA THR D 197 -25.05 45.45 -10.23
C THR D 197 -23.70 44.75 -10.27
N TYR D 198 -23.58 43.77 -11.16
CA TYR D 198 -22.41 42.91 -11.24
C TYR D 198 -21.71 43.16 -12.57
N ILE D 199 -20.47 43.64 -12.50
CA ILE D 199 -19.65 43.87 -13.68
C ILE D 199 -18.35 43.09 -13.51
N CYS D 200 -18.00 42.30 -14.52
CA CYS D 200 -16.74 41.56 -14.52
C CYS D 200 -15.70 42.36 -15.30
N ASN D 201 -14.50 42.45 -14.74
CA ASN D 201 -13.41 43.22 -15.33
C ASN D 201 -12.41 42.24 -15.93
N VAL D 202 -12.31 42.23 -17.25
CA VAL D 202 -11.46 41.31 -17.97
C VAL D 202 -10.23 42.08 -18.44
N ASN D 203 -9.05 41.61 -18.06
CA ASN D 203 -7.79 42.25 -18.42
C ASN D 203 -6.94 41.25 -19.19
N HIS D 204 -6.48 41.67 -20.37
CA HIS D 204 -5.66 40.83 -21.26
C HIS D 204 -4.46 41.67 -21.68
N LYS D 205 -3.40 41.61 -20.90
CA LYS D 205 -2.21 42.43 -21.18
C LYS D 205 -1.57 42.16 -22.54
N PRO D 206 -1.55 40.94 -23.08
CA PRO D 206 -0.94 40.76 -24.42
C PRO D 206 -1.56 41.61 -25.51
N SER D 207 -2.82 41.99 -25.39
CA SER D 207 -3.49 42.80 -26.41
C SER D 207 -3.88 44.18 -25.90
N ASN D 208 -3.42 44.58 -24.70
CA ASN D 208 -3.75 45.87 -24.11
C ASN D 208 -5.26 46.09 -24.05
N THR D 209 -5.99 45.02 -23.71
CA THR D 209 -7.44 45.02 -23.71
C THR D 209 -7.95 44.94 -22.27
N LYS D 210 -8.66 45.97 -21.84
CA LYS D 210 -9.41 45.94 -20.60
C LYS D 210 -10.88 46.16 -20.93
N VAL D 211 -11.71 45.17 -20.61
CA VAL D 211 -13.13 45.20 -20.94
C VAL D 211 -13.93 44.98 -19.66
N ASP D 212 -14.90 45.84 -19.42
CA ASP D 212 -15.79 45.73 -18.27
C ASP D 212 -17.19 45.45 -18.79
N LYS D 213 -17.73 44.29 -18.41
CA LYS D 213 -19.00 43.80 -18.94
C LYS D 213 -19.98 43.65 -17.80
N LYS D 214 -21.12 44.34 -17.90
CA LYS D 214 -22.16 44.27 -16.89
C LYS D 214 -23.05 43.05 -17.15
N VAL D 215 -23.28 42.25 -16.12
CA VAL D 215 -24.10 41.05 -16.22
C VAL D 215 -25.46 41.35 -15.59
N GLU D 216 -26.50 41.23 -16.39
CA GLU D 216 -27.86 41.58 -15.99
C GLU D 216 -28.80 40.44 -16.33
N PRO D 217 -29.93 40.32 -15.61
CA PRO D 217 -30.92 39.30 -15.96
C PRO D 217 -31.40 39.47 -17.40
N LYS D 218 -31.63 38.35 -18.06
CA LYS D 218 -32.07 38.37 -19.45
C LYS D 218 -33.54 38.74 -19.53
N SER D 219 -33.89 39.49 -20.57
CA SER D 219 -35.22 40.09 -20.70
C SER D 219 -36.05 39.25 -21.66
N CYS D 220 -37.11 38.63 -21.13
CA CYS D 220 -38.06 37.90 -21.96
C CYS D 220 -38.98 38.87 -22.71
N GLU E 1 10.08 -0.16 -24.81
CA GLU E 1 9.88 0.85 -23.78
C GLU E 1 9.16 0.27 -22.57
N ILE E 2 9.50 0.77 -21.39
CA ILE E 2 8.86 0.36 -20.15
C ILE E 2 7.67 1.28 -19.88
N VAL E 3 6.56 0.69 -19.43
CA VAL E 3 5.33 1.43 -19.15
C VAL E 3 5.10 1.41 -17.65
N MET E 4 5.04 2.58 -17.04
CA MET E 4 4.83 2.72 -15.60
C MET E 4 3.36 3.06 -15.36
N THR E 5 2.59 2.07 -14.92
CA THR E 5 1.17 2.24 -14.64
C THR E 5 1.00 2.54 -13.15
N GLN E 6 0.47 3.71 -12.84
CA GLN E 6 0.34 4.18 -11.48
C GLN E 6 -1.14 4.24 -11.08
N SER E 7 -1.43 3.79 -9.86
CA SER E 7 -2.80 3.67 -9.39
C SER E 7 -2.82 3.91 -7.89
N PRO E 8 -3.87 4.57 -7.35
CA PRO E 8 -4.99 5.13 -8.12
C PRO E 8 -4.66 6.47 -8.77
N SER E 9 -5.51 6.92 -9.69
CA SER E 9 -5.31 8.23 -10.30
C SER E 9 -5.48 9.35 -9.28
N SER E 10 -6.43 9.18 -8.35
CA SER E 10 -6.64 10.15 -7.29
C SER E 10 -7.21 9.41 -6.07
N LEU E 11 -6.86 9.91 -4.89
CA LEU E 11 -7.36 9.34 -3.64
C LEU E 11 -7.61 10.45 -2.64
N SER E 12 -8.56 10.20 -1.75
CA SER E 12 -8.94 11.13 -0.70
C SER E 12 -8.45 10.61 0.64
N ALA E 13 -7.84 11.48 1.44
CA ALA E 13 -7.33 11.09 2.74
C ALA E 13 -7.41 12.27 3.70
N SER E 14 -7.74 11.99 4.95
CA SER E 14 -7.74 13.00 6.00
C SER E 14 -6.38 13.05 6.67
N VAL E 15 -6.17 14.09 7.48
CA VAL E 15 -4.90 14.26 8.18
C VAL E 15 -4.71 13.11 9.16
N GLY E 16 -3.52 12.50 9.12
CA GLY E 16 -3.21 11.38 9.97
C GLY E 16 -3.48 10.01 9.37
N ASP E 17 -4.18 9.95 8.25
CA ASP E 17 -4.50 8.67 7.61
C ASP E 17 -3.25 8.00 7.06
N ARG E 18 -3.40 6.70 6.79
CA ARG E 18 -2.38 5.91 6.10
C ARG E 18 -2.67 5.92 4.61
N VAL E 19 -1.76 6.53 3.83
CA VAL E 19 -1.93 6.69 2.39
C VAL E 19 -1.01 5.71 1.68
N THR E 20 -1.52 5.09 0.61
CA THR E 20 -0.79 4.09 -0.14
C THR E 20 -0.98 4.32 -1.63
N ILE E 21 0.13 4.38 -2.37
CA ILE E 21 0.12 4.57 -3.82
C ILE E 21 0.91 3.44 -4.47
N THR E 22 0.41 2.96 -5.61
CA THR E 22 0.99 1.79 -6.29
C THR E 22 1.52 2.20 -7.66
N CYS E 23 2.70 1.68 -8.00
CA CYS E 23 3.35 1.91 -9.27
C CYS E 23 3.85 0.58 -9.81
N ARG E 24 3.46 0.25 -11.05
CA ARG E 24 3.80 -1.05 -11.63
C ARG E 24 4.47 -0.84 -12.99
N ALA E 25 5.65 -1.45 -13.15
CA ALA E 25 6.37 -1.43 -14.41
C ALA E 25 6.00 -2.64 -15.26
N SER E 26 6.09 -2.47 -16.57
CA SER E 26 5.75 -3.55 -17.50
C SER E 26 6.77 -4.68 -17.51
N GLN E 27 7.95 -4.47 -16.92
CA GLN E 27 8.95 -5.54 -16.85
C GLN E 27 9.88 -5.26 -15.68
N GLY E 28 10.60 -6.30 -15.26
CA GLY E 28 11.50 -6.23 -14.12
C GLY E 28 12.54 -5.15 -14.20
N ILE E 29 12.47 -4.19 -13.28
CA ILE E 29 13.45 -3.11 -13.18
C ILE E 29 14.20 -3.14 -11.85
N SER E 30 14.12 -4.27 -11.14
CA SER E 30 14.79 -4.49 -9.86
C SER E 30 14.42 -3.39 -8.85
N SER E 31 15.39 -2.57 -8.46
CA SER E 31 15.17 -1.51 -7.49
C SER E 31 15.35 -0.12 -8.10
N TYR E 32 15.38 -0.01 -9.42
CA TYR E 32 15.65 1.25 -10.09
C TYR E 32 14.34 2.02 -10.26
N LEU E 33 13.92 2.66 -9.18
CA LEU E 33 12.68 3.43 -9.15
C LEU E 33 12.82 4.56 -8.15
N ALA E 34 12.11 5.66 -8.41
CA ALA E 34 12.11 6.82 -7.53
C ALA E 34 10.70 7.37 -7.40
N TRP E 35 10.45 8.06 -6.29
CA TRP E 35 9.18 8.72 -6.03
C TRP E 35 9.40 10.23 -5.94
N TYR E 36 8.46 10.99 -6.47
CA TYR E 36 8.56 12.44 -6.48
C TYR E 36 7.26 13.07 -6.01
N GLN E 37 7.37 14.26 -5.42
CA GLN E 37 6.23 15.05 -5.01
C GLN E 37 6.20 16.36 -5.79
N GLN E 38 5.02 16.74 -6.26
CA GLN E 38 4.86 18.00 -6.98
C GLN E 38 3.57 18.67 -6.55
N LYS E 39 3.67 19.97 -6.28
CA LYS E 39 2.54 20.84 -5.96
C LYS E 39 2.29 21.80 -7.11
N PRO E 40 1.05 22.22 -7.33
CA PRO E 40 0.73 23.01 -8.52
C PRO E 40 1.60 24.25 -8.65
N GLY E 41 2.20 24.40 -9.83
CA GLY E 41 3.07 25.53 -10.12
C GLY E 41 4.49 25.38 -9.62
N LYS E 42 4.79 24.33 -8.87
CA LYS E 42 6.12 24.13 -8.30
C LYS E 42 6.85 23.01 -9.04
N ALA E 43 8.17 22.99 -8.88
CA ALA E 43 9.00 21.95 -9.46
C ALA E 43 8.88 20.66 -8.67
N PRO E 44 9.12 19.51 -9.30
CA PRO E 44 9.05 18.24 -8.58
C PRO E 44 10.13 18.14 -7.50
N LYS E 45 9.85 17.31 -6.50
CA LYS E 45 10.70 17.16 -5.34
C LYS E 45 10.97 15.68 -5.11
N LEU E 46 12.24 15.31 -5.02
CA LEU E 46 12.62 13.91 -4.87
C LEU E 46 12.34 13.43 -3.44
N LEU E 47 11.62 12.33 -3.32
CA LEU E 47 11.28 11.73 -2.03
C LEU E 47 12.05 10.45 -1.78
N ILE E 48 11.89 9.45 -2.64
CA ILE E 48 12.52 8.14 -2.50
C ILE E 48 13.35 7.87 -3.74
N TYR E 49 14.55 7.33 -3.54
CA TYR E 49 15.36 6.83 -4.64
C TYR E 49 15.79 5.40 -4.33
N ALA E 50 16.21 4.70 -5.38
CA ALA E 50 16.58 3.28 -5.27
C ALA E 50 15.46 2.47 -4.63
N ALA E 51 14.23 2.72 -5.10
CA ALA E 51 13.03 1.99 -4.70
C ALA E 51 12.63 2.21 -3.24
N SER E 52 13.60 2.17 -2.32
CA SER E 52 13.26 2.18 -0.90
C SER E 52 14.19 3.02 -0.04
N THR E 53 15.02 3.88 -0.61
CA THR E 53 15.92 4.72 0.15
C THR E 53 15.36 6.13 0.25
N LEU E 54 15.33 6.67 1.47
CA LEU E 54 14.73 7.98 1.72
C LEU E 54 15.73 9.08 1.41
N GLN E 55 15.34 10.02 0.54
CA GLN E 55 16.20 11.16 0.23
C GLN E 55 16.43 12.01 1.47
N SER E 56 17.64 12.57 1.58
CA SER E 56 17.99 13.38 2.74
C SER E 56 17.09 14.62 2.81
N GLY E 57 16.57 14.90 4.00
CA GLY E 57 15.70 16.02 4.22
C GLY E 57 14.22 15.73 4.10
N VAL E 58 13.85 14.56 3.61
CA VAL E 58 12.43 14.19 3.50
C VAL E 58 11.97 13.62 4.83
N PRO E 59 10.80 14.03 5.34
CA PRO E 59 10.33 13.50 6.62
C PRO E 59 10.19 11.99 6.60
N SER E 60 10.46 11.37 7.75
CA SER E 60 10.52 9.91 7.85
C SER E 60 9.17 9.24 7.67
N ARG E 61 8.07 9.99 7.61
CA ARG E 61 6.78 9.37 7.35
C ARG E 61 6.67 8.82 5.94
N PHE E 62 7.56 9.22 5.04
CA PHE E 62 7.61 8.67 3.69
C PHE E 62 8.51 7.45 3.66
N SER E 63 8.08 6.42 2.92
CA SER E 63 8.85 5.20 2.80
C SER E 63 8.44 4.48 1.52
N GLY E 64 9.42 3.95 0.80
CA GLY E 64 9.15 3.16 -0.38
C GLY E 64 9.41 1.70 -0.16
N SER E 65 8.78 0.84 -0.95
CA SER E 65 8.98 -0.60 -0.82
C SER E 65 8.67 -1.26 -2.15
N GLY E 66 9.08 -2.51 -2.27
CA GLY E 66 8.87 -3.26 -3.49
C GLY E 66 10.13 -3.38 -4.32
N SER E 67 10.15 -4.39 -5.18
CA SER E 67 11.28 -4.61 -6.08
C SER E 67 10.79 -5.44 -7.26
N GLY E 68 11.34 -5.16 -8.43
CA GLY E 68 10.96 -5.88 -9.63
C GLY E 68 9.91 -5.15 -10.45
N THR E 69 8.64 -5.40 -10.15
CA THR E 69 7.53 -4.78 -10.87
C THR E 69 6.56 -4.03 -9.98
N ASP E 70 6.35 -4.47 -8.74
CA ASP E 70 5.37 -3.86 -7.85
C ASP E 70 6.09 -3.00 -6.82
N PHE E 71 5.78 -1.70 -6.82
CA PHE E 71 6.35 -0.76 -5.88
C PHE E 71 5.23 0.07 -5.25
N THR E 72 5.44 0.46 -3.99
CA THR E 72 4.43 1.21 -3.25
C THR E 72 5.10 2.30 -2.43
N LEU E 73 4.54 3.52 -2.52
CA LEU E 73 4.91 4.61 -1.62
C LEU E 73 3.94 4.64 -0.45
N THR E 74 4.46 5.00 0.73
CA THR E 74 3.68 4.93 1.95
C THR E 74 3.92 6.17 2.80
N ILE E 75 2.84 6.86 3.14
CA ILE E 75 2.85 7.97 4.09
C ILE E 75 2.19 7.47 5.37
N SER E 76 3.00 7.27 6.42
CA SER E 76 2.50 6.62 7.62
C SER E 76 1.47 7.48 8.35
N SER E 77 1.66 8.80 8.35
CA SER E 77 0.76 9.72 9.04
C SER E 77 0.69 11.00 8.21
N LEU E 78 -0.35 11.11 7.39
CA LEU E 78 -0.47 12.22 6.46
C LEU E 78 -0.53 13.56 7.19
N GLN E 79 0.30 14.49 6.76
CA GLN E 79 0.36 15.84 7.30
C GLN E 79 -0.23 16.83 6.28
N PRO E 80 -0.63 18.02 6.73
CA PRO E 80 -1.26 18.97 5.80
C PRO E 80 -0.39 19.33 4.60
N GLU E 81 0.92 19.38 4.75
CA GLU E 81 1.81 19.74 3.65
C GLU E 81 2.08 18.57 2.70
N ASP E 82 1.35 17.47 2.83
CA ASP E 82 1.53 16.30 1.98
C ASP E 82 0.45 16.15 0.93
N PHE E 83 -0.55 17.04 0.91
CA PHE E 83 -1.57 17.04 -0.13
C PHE E 83 -0.95 17.56 -1.42
N ALA E 84 -0.64 16.65 -2.34
CA ALA E 84 -0.02 17.03 -3.61
C ALA E 84 -0.22 15.90 -4.62
N THR E 85 0.54 15.95 -5.71
CA THR E 85 0.51 14.94 -6.76
C THR E 85 1.86 14.23 -6.78
N TYR E 86 1.84 12.91 -6.79
CA TYR E 86 3.04 12.11 -6.65
C TYR E 86 3.28 11.28 -7.90
N TYR E 87 4.57 11.13 -8.26
CA TYR E 87 4.97 10.40 -9.44
C TYR E 87 6.03 9.36 -9.09
N CYS E 88 6.05 8.28 -9.86
CA CYS E 88 7.12 7.30 -9.83
C CYS E 88 7.90 7.35 -11.14
N GLN E 89 9.21 7.09 -11.06
CA GLN E 89 10.10 7.15 -12.20
C GLN E 89 10.94 5.88 -12.25
N GLN E 90 11.18 5.38 -13.46
CA GLN E 90 12.07 4.24 -13.66
C GLN E 90 13.45 4.77 -14.04
N LEU E 91 14.26 5.07 -13.01
CA LEU E 91 15.62 5.53 -13.26
C LEU E 91 16.51 4.41 -13.78
N ASP E 92 16.05 3.71 -14.81
CA ASP E 92 16.82 2.65 -15.46
C ASP E 92 17.22 3.10 -16.86
N SER E 93 18.45 2.78 -17.25
CA SER E 93 19.01 3.18 -18.55
C SER E 93 18.70 2.19 -19.66
N TYR E 94 17.52 1.57 -19.66
CA TYR E 94 17.20 0.67 -20.75
C TYR E 94 15.71 0.53 -21.01
N PRO E 95 15.23 1.00 -22.18
CA PRO E 95 16.07 1.86 -23.02
C PRO E 95 15.92 3.32 -22.56
N PRO E 96 17.04 3.94 -22.11
CA PRO E 96 16.97 5.23 -21.39
C PRO E 96 15.57 5.64 -20.96
N GLY E 97 15.00 6.66 -21.60
CA GLY E 97 13.61 7.01 -21.38
C GLY E 97 13.34 7.59 -20.01
N TYR E 98 13.60 6.81 -18.97
CA TYR E 98 13.33 7.19 -17.58
C TYR E 98 11.84 7.55 -17.41
N THR E 99 10.98 6.63 -17.83
CA THR E 99 9.54 6.88 -17.85
C THR E 99 9.00 7.21 -16.47
N PHE E 100 8.10 8.18 -16.42
CA PHE E 100 7.42 8.59 -15.20
C PHE E 100 6.03 7.96 -15.11
N GLY E 101 5.53 7.85 -13.89
CA GLY E 101 4.18 7.36 -13.68
C GLY E 101 3.13 8.36 -14.13
N GLN E 102 1.88 7.89 -14.14
CA GLN E 102 0.77 8.75 -14.54
C GLN E 102 0.47 9.82 -13.50
N GLY E 103 0.75 9.54 -12.24
CA GLY E 103 0.55 10.50 -11.17
C GLY E 103 -0.68 10.20 -10.34
N THR E 104 -0.59 10.52 -9.05
CA THR E 104 -1.69 10.31 -8.11
C THR E 104 -1.92 11.60 -7.34
N LYS E 105 -3.11 12.19 -7.50
CA LYS E 105 -3.47 13.41 -6.81
C LYS E 105 -4.17 13.07 -5.50
N VAL E 106 -3.66 13.61 -4.40
CA VAL E 106 -4.18 13.35 -3.06
C VAL E 106 -4.86 14.63 -2.58
N ASP E 107 -6.18 14.62 -2.56
CA ASP E 107 -6.96 15.76 -2.12
C ASP E 107 -7.47 15.56 -0.69
N ILE E 108 -8.10 16.61 -0.16
CA ILE E 108 -8.57 16.60 1.22
C ILE E 108 -9.92 15.89 1.28
N LYS E 109 -10.02 14.90 2.16
CA LYS E 109 -11.26 14.15 2.34
C LYS E 109 -12.23 14.93 3.21
N ARG E 110 -13.48 15.03 2.75
CA ARG E 110 -14.55 15.65 3.50
C ARG E 110 -15.85 14.89 3.24
N THR E 111 -16.92 15.36 3.86
CA THR E 111 -18.23 14.77 3.63
C THR E 111 -18.68 15.02 2.19
N VAL E 112 -19.56 14.15 1.70
CA VAL E 112 -20.05 14.27 0.33
C VAL E 112 -20.87 15.55 0.19
N ALA E 113 -20.67 16.25 -0.92
CA ALA E 113 -21.39 17.49 -1.21
C ALA E 113 -21.92 17.43 -2.63
N ALA E 114 -23.23 17.59 -2.79
CA ALA E 114 -23.85 17.54 -4.11
C ALA E 114 -23.61 18.85 -4.86
N PRO E 115 -23.49 18.79 -6.19
CA PRO E 115 -23.21 20.00 -6.95
C PRO E 115 -24.46 20.83 -7.20
N SER E 116 -24.27 22.14 -7.27
CA SER E 116 -25.30 23.06 -7.70
C SER E 116 -25.19 23.24 -9.21
N VAL E 117 -26.28 22.97 -9.93
CA VAL E 117 -26.27 22.92 -11.39
C VAL E 117 -26.98 24.15 -11.92
N PHE E 118 -26.31 24.88 -12.82
CA PHE E 118 -26.85 26.06 -13.47
C PHE E 118 -26.54 25.97 -14.96
N ILE E 119 -27.55 26.24 -15.79
CA ILE E 119 -27.39 26.22 -17.24
C ILE E 119 -27.57 27.64 -17.77
N PHE E 120 -26.73 28.02 -18.72
CA PHE E 120 -26.71 29.38 -19.25
C PHE E 120 -26.85 29.32 -20.77
N PRO E 121 -27.92 29.88 -21.34
CA PRO E 121 -28.04 29.94 -22.79
C PRO E 121 -27.03 30.93 -23.37
N PRO E 122 -26.70 30.80 -24.65
CA PRO E 122 -25.78 31.77 -25.27
C PRO E 122 -26.35 33.17 -25.25
N SER E 123 -25.46 34.15 -25.16
CA SER E 123 -25.87 35.54 -25.08
C SER E 123 -26.35 36.05 -26.44
N ASP E 124 -27.25 37.03 -26.41
CA ASP E 124 -27.70 37.66 -27.64
C ASP E 124 -26.55 38.34 -28.37
N GLU E 125 -25.57 38.85 -27.64
CA GLU E 125 -24.41 39.47 -28.26
C GLU E 125 -23.60 38.45 -29.05
N GLN E 126 -23.42 37.26 -28.49
CA GLN E 126 -22.58 36.25 -29.15
C GLN E 126 -23.29 35.64 -30.35
N LEU E 127 -24.61 35.43 -30.24
CA LEU E 127 -25.37 34.91 -31.38
C LEU E 127 -25.30 35.84 -32.58
N LYS E 128 -25.16 37.15 -32.33
CA LYS E 128 -24.96 38.10 -33.41
C LYS E 128 -23.65 37.86 -34.15
N SER E 129 -22.69 37.20 -33.51
CA SER E 129 -21.40 36.92 -34.12
C SER E 129 -21.39 35.64 -34.95
N GLY E 130 -22.31 34.71 -34.68
CA GLY E 130 -22.38 33.47 -35.44
C GLY E 130 -22.03 32.23 -34.64
N THR E 131 -21.64 32.37 -33.38
CA THR E 131 -21.25 31.24 -32.55
C THR E 131 -22.13 31.19 -31.31
N ALA E 132 -22.59 29.99 -30.95
CA ALA E 132 -23.44 29.79 -29.78
C ALA E 132 -22.69 28.91 -28.78
N SER E 133 -22.41 29.48 -27.61
CA SER E 133 -21.74 28.76 -26.53
C SER E 133 -22.71 28.62 -25.36
N VAL E 134 -23.04 27.37 -25.02
CA VAL E 134 -23.87 27.07 -23.86
C VAL E 134 -22.96 26.59 -22.73
N VAL E 135 -23.23 27.05 -21.51
CA VAL E 135 -22.38 26.79 -20.36
C VAL E 135 -23.19 26.09 -19.28
N CYS E 136 -22.64 24.99 -18.76
CA CYS E 136 -23.22 24.26 -17.64
C CYS E 136 -22.28 24.38 -16.45
N LEU E 137 -22.83 24.73 -15.29
CA LEU E 137 -22.04 24.99 -14.09
C LEU E 137 -22.35 23.95 -13.02
N LEU E 138 -21.30 23.41 -12.41
CA LEU E 138 -21.42 22.53 -11.25
C LEU E 138 -20.68 23.20 -10.10
N ASN E 139 -21.43 23.70 -9.13
CA ASN E 139 -20.88 24.58 -8.09
C ASN E 139 -20.73 23.83 -6.78
N ASN E 140 -19.52 23.89 -6.21
CA ASN E 140 -19.23 23.37 -4.87
C ASN E 140 -19.70 21.94 -4.66
N PHE E 141 -18.92 20.97 -5.16
CA PHE E 141 -19.24 19.56 -5.00
C PHE E 141 -18.00 18.80 -4.54
N TYR E 142 -18.24 17.56 -4.12
CA TYR E 142 -17.17 16.65 -3.69
C TYR E 142 -17.72 15.24 -3.77
N PRO E 143 -16.96 14.28 -4.29
CA PRO E 143 -15.57 14.38 -4.77
C PRO E 143 -15.41 14.96 -6.17
N ARG E 144 -14.21 14.83 -6.72
CA ARG E 144 -13.90 15.39 -8.03
C ARG E 144 -14.69 14.70 -9.13
N GLU E 145 -14.88 13.39 -9.01
CA GLU E 145 -15.51 12.60 -10.07
C GLU E 145 -16.95 13.03 -10.30
N ALA E 146 -17.22 13.64 -11.45
CA ALA E 146 -18.55 14.11 -11.81
C ALA E 146 -18.69 14.04 -13.32
N LYS E 147 -19.86 13.62 -13.78
CA LYS E 147 -20.10 13.35 -15.19
C LYS E 147 -21.12 14.34 -15.73
N VAL E 148 -20.77 15.00 -16.83
CA VAL E 148 -21.63 15.97 -17.50
C VAL E 148 -21.96 15.43 -18.88
N GLN E 149 -23.25 15.30 -19.17
CA GLN E 149 -23.74 14.80 -20.45
C GLN E 149 -24.66 15.84 -21.07
N TRP E 150 -24.28 16.38 -22.22
CA TRP E 150 -25.12 17.32 -22.93
C TRP E 150 -26.18 16.59 -23.74
N LYS E 151 -27.40 17.12 -23.72
CA LYS E 151 -28.50 16.61 -24.52
C LYS E 151 -29.12 17.75 -25.30
N VAL E 152 -29.25 17.56 -26.61
CA VAL E 152 -29.86 18.55 -27.50
C VAL E 152 -31.05 17.89 -28.15
N ASP E 153 -32.26 18.30 -27.72
CA ASP E 153 -33.51 17.66 -28.14
C ASP E 153 -33.49 16.17 -27.81
N ASN E 154 -32.93 15.83 -26.65
CA ASN E 154 -32.80 14.46 -26.14
C ASN E 154 -31.80 13.63 -26.93
N ALA E 155 -30.94 14.27 -27.72
CA ALA E 155 -29.84 13.60 -28.40
C ALA E 155 -28.55 13.87 -27.62
N LEU E 156 -27.91 12.80 -27.16
CA LEU E 156 -26.71 12.94 -26.34
C LEU E 156 -25.56 13.48 -27.19
N GLN E 157 -25.06 14.65 -26.81
CA GLN E 157 -24.03 15.35 -27.58
C GLN E 157 -22.65 15.05 -26.99
N SER E 158 -21.72 14.64 -27.84
CA SER E 158 -20.34 14.43 -27.46
C SER E 158 -19.44 14.90 -28.59
N GLY E 159 -18.28 15.46 -28.22
CA GLY E 159 -17.29 15.90 -29.17
C GLY E 159 -17.26 17.40 -29.41
N ASN E 160 -18.33 18.11 -29.07
CA ASN E 160 -18.40 19.56 -29.24
C ASN E 160 -18.48 20.29 -27.91
N SER E 161 -18.12 19.63 -26.81
CA SER E 161 -18.16 20.22 -25.49
C SER E 161 -16.80 20.06 -24.81
N GLN E 162 -16.45 21.03 -23.97
CA GLN E 162 -15.22 21.00 -23.20
C GLN E 162 -15.52 21.32 -21.74
N GLU E 163 -14.67 20.82 -20.86
CA GLU E 163 -14.82 21.02 -19.42
C GLU E 163 -13.58 21.67 -18.84
N SER E 164 -13.76 22.22 -17.63
CA SER E 164 -12.66 22.81 -16.87
C SER E 164 -13.01 22.71 -15.39
N VAL E 165 -12.06 22.27 -14.59
CA VAL E 165 -12.27 22.07 -13.15
C VAL E 165 -11.27 22.93 -12.40
N THR E 166 -11.75 23.62 -11.36
CA THR E 166 -10.87 24.37 -10.48
C THR E 166 -10.17 23.43 -9.51
N GLU E 167 -9.13 23.96 -8.87
CA GLU E 167 -8.47 23.20 -7.81
C GLU E 167 -9.35 23.18 -6.57
N GLN E 168 -9.09 22.20 -5.71
CA GLN E 168 -9.87 22.04 -4.48
C GLN E 168 -9.87 23.33 -3.66
N ASP E 169 -11.07 23.84 -3.38
CA ASP E 169 -11.19 25.14 -2.72
C ASP E 169 -10.57 25.08 -1.34
N SER E 170 -9.76 26.10 -1.03
CA SER E 170 -8.98 26.14 0.21
C SER E 170 -9.83 26.36 1.46
N LYS E 171 -11.14 26.49 1.34
CA LYS E 171 -11.98 26.79 2.50
C LYS E 171 -13.00 25.71 2.80
N ASP E 172 -13.70 25.19 1.80
CA ASP E 172 -14.67 24.13 2.00
C ASP E 172 -14.29 22.82 1.32
N SER E 173 -13.11 22.76 0.69
CA SER E 173 -12.58 21.53 0.10
C SER E 173 -13.50 20.96 -0.98
N THR E 174 -14.20 21.84 -1.70
CA THR E 174 -15.08 21.42 -2.77
C THR E 174 -14.49 21.77 -4.12
N TYR E 175 -15.04 21.14 -5.16
CA TYR E 175 -14.67 21.41 -6.54
C TYR E 175 -15.79 22.15 -7.25
N SER E 176 -15.44 22.83 -8.34
CA SER E 176 -16.41 23.48 -9.20
C SER E 176 -16.03 23.24 -10.65
N LEU E 177 -17.03 23.00 -11.49
CA LEU E 177 -16.81 22.58 -12.87
C LEU E 177 -17.68 23.40 -13.81
N SER E 178 -17.11 23.76 -14.95
CA SER E 178 -17.85 24.39 -16.04
C SER E 178 -17.73 23.54 -17.29
N SER E 179 -18.80 23.49 -18.08
CA SER E 179 -18.82 22.76 -19.34
C SER E 179 -19.39 23.67 -20.41
N THR E 180 -18.65 23.82 -21.51
CA THR E 180 -19.02 24.76 -22.57
C THR E 180 -19.33 23.97 -23.84
N LEU E 181 -20.60 24.00 -24.25
CA LEU E 181 -21.04 23.40 -25.49
C LEU E 181 -21.11 24.48 -26.56
N THR E 182 -20.35 24.31 -27.64
CA THR E 182 -20.23 25.32 -28.69
C THR E 182 -20.82 24.79 -29.98
N LEU E 183 -21.72 25.58 -30.57
CA LEU E 183 -22.33 25.27 -31.86
C LEU E 183 -22.27 26.51 -32.74
N SER E 184 -22.37 26.28 -34.05
CA SER E 184 -22.63 27.39 -34.96
C SER E 184 -24.04 27.90 -34.75
N LYS E 185 -24.25 29.18 -35.07
CA LYS E 185 -25.59 29.76 -34.93
C LYS E 185 -26.61 28.99 -35.77
N ALA E 186 -26.20 28.48 -36.92
CA ALA E 186 -27.10 27.71 -37.77
C ALA E 186 -27.55 26.43 -37.07
N ASP E 187 -26.59 25.67 -36.53
CA ASP E 187 -26.93 24.44 -35.82
C ASP E 187 -27.69 24.72 -34.53
N TYR E 188 -27.41 25.86 -33.89
CA TYR E 188 -28.11 26.19 -32.65
C TYR E 188 -29.59 26.42 -32.89
N GLU E 189 -29.94 27.13 -33.96
CA GLU E 189 -31.34 27.43 -34.26
C GLU E 189 -32.08 26.25 -34.87
N LYS E 190 -31.41 25.12 -35.10
CA LYS E 190 -32.07 23.93 -35.62
C LYS E 190 -32.76 23.12 -34.53
N HIS E 191 -32.49 23.41 -33.26
CA HIS E 191 -32.96 22.60 -32.14
C HIS E 191 -33.62 23.51 -31.10
N LYS E 192 -34.33 22.88 -30.17
CA LYS E 192 -35.12 23.59 -29.18
C LYS E 192 -34.64 23.38 -27.76
N VAL E 193 -34.52 22.13 -27.32
CA VAL E 193 -34.27 21.81 -25.91
C VAL E 193 -32.77 21.61 -25.71
N TYR E 194 -32.19 22.38 -24.80
CA TYR E 194 -30.78 22.30 -24.46
C TYR E 194 -30.65 21.99 -22.97
N ALA E 195 -29.95 20.91 -22.65
CA ALA E 195 -29.84 20.47 -21.27
C ALA E 195 -28.47 19.86 -21.03
N CYS E 196 -28.00 19.96 -19.78
CA CYS E 196 -26.85 19.20 -19.30
C CYS E 196 -27.30 18.31 -18.16
N GLU E 197 -26.92 17.04 -18.22
CA GLU E 197 -27.33 16.04 -17.24
C GLU E 197 -26.12 15.72 -16.37
N VAL E 198 -26.26 16.00 -15.07
CA VAL E 198 -25.16 15.88 -14.12
C VAL E 198 -25.42 14.67 -13.23
N THR E 199 -24.50 13.71 -13.26
CA THR E 199 -24.52 12.58 -12.34
C THR E 199 -23.35 12.70 -11.39
N HIS E 200 -23.59 12.35 -10.12
CA HIS E 200 -22.58 12.52 -9.08
C HIS E 200 -22.97 11.66 -7.89
N GLN E 201 -21.98 11.39 -7.04
CA GLN E 201 -22.23 10.57 -5.85
C GLN E 201 -23.26 11.22 -4.93
N GLY E 202 -23.20 12.54 -4.78
CA GLY E 202 -24.12 13.25 -3.91
C GLY E 202 -25.54 13.36 -4.43
N LEU E 203 -25.81 12.88 -5.64
CA LEU E 203 -27.15 12.91 -6.22
C LEU E 203 -27.67 11.49 -6.32
N SER E 204 -28.84 11.23 -5.72
CA SER E 204 -29.43 9.90 -5.80
C SER E 204 -29.89 9.57 -7.21
N SER E 205 -30.26 10.59 -7.99
CA SER E 205 -30.65 10.43 -9.38
C SER E 205 -30.08 11.59 -10.17
N PRO E 206 -29.81 11.40 -11.46
CA PRO E 206 -29.19 12.48 -12.24
C PRO E 206 -30.06 13.72 -12.27
N VAL E 207 -29.41 14.87 -12.12
CA VAL E 207 -30.07 16.18 -12.15
C VAL E 207 -29.89 16.79 -13.53
N THR E 208 -30.97 17.37 -14.06
CA THR E 208 -30.96 17.96 -15.39
C THR E 208 -31.55 19.36 -15.32
N LYS E 209 -30.76 20.36 -15.71
CA LYS E 209 -31.22 21.73 -15.88
C LYS E 209 -31.26 22.05 -17.36
N SER E 210 -32.40 22.55 -17.83
CA SER E 210 -32.63 22.72 -19.26
C SER E 210 -33.35 24.03 -19.51
N PHE E 211 -33.29 24.47 -20.77
CA PHE E 211 -34.05 25.62 -21.24
C PHE E 211 -34.54 25.32 -22.65
N ASN E 212 -35.51 26.13 -23.09
CA ASN E 212 -36.02 26.06 -24.44
C ASN E 212 -35.61 27.32 -25.20
N ARG E 213 -35.10 27.13 -26.42
CA ARG E 213 -34.55 28.23 -27.21
C ARG E 213 -35.60 29.30 -27.49
N GLY E 214 -35.48 30.45 -26.83
CA GLY E 214 -36.38 31.56 -27.04
C GLY E 214 -37.48 31.72 -26.03
N GLU E 215 -37.32 31.20 -24.81
CA GLU E 215 -38.35 31.34 -23.78
C GLU E 215 -37.78 32.01 -22.53
N THR F 7 54.49 -28.31 -25.94
CA THR F 7 53.14 -28.41 -26.46
C THR F 7 52.12 -28.01 -25.38
N ASN F 8 52.19 -26.76 -24.94
CA ASN F 8 51.26 -26.25 -23.94
C ASN F 8 49.92 -25.91 -24.59
N LEU F 9 48.83 -26.17 -23.86
CA LEU F 9 47.49 -25.80 -24.29
C LEU F 9 47.10 -24.48 -23.62
N CYS F 10 46.41 -23.62 -24.36
CA CYS F 10 46.04 -22.31 -23.83
C CYS F 10 45.04 -22.47 -22.69
N PRO F 11 45.28 -21.84 -21.54
CA PRO F 11 44.39 -22.03 -20.39
C PRO F 11 43.06 -21.30 -20.53
N PHE F 12 42.17 -21.80 -21.38
CA PHE F 12 40.83 -21.24 -21.48
C PHE F 12 39.92 -21.74 -20.37
N ASP F 13 40.18 -22.95 -19.86
CA ASP F 13 39.38 -23.49 -18.77
C ASP F 13 39.48 -22.60 -17.53
N GLU F 14 40.66 -22.04 -17.26
CA GLU F 14 40.84 -21.21 -16.08
C GLU F 14 40.07 -19.90 -16.16
N VAL F 15 39.72 -19.45 -17.37
CA VAL F 15 39.01 -18.19 -17.53
C VAL F 15 37.50 -18.39 -17.50
N PHE F 16 36.99 -19.36 -18.26
CA PHE F 16 35.54 -19.58 -18.31
C PHE F 16 35.05 -20.32 -17.08
N ASN F 17 35.74 -21.39 -16.69
CA ASN F 17 35.37 -22.19 -15.52
C ASN F 17 35.92 -21.64 -14.22
N ALA F 18 36.34 -20.37 -14.19
CA ALA F 18 36.74 -19.76 -12.94
C ALA F 18 35.54 -19.65 -12.01
N THR F 19 35.77 -19.94 -10.72
CA THR F 19 34.67 -19.94 -9.77
C THR F 19 34.20 -18.54 -9.44
N ARG F 20 35.10 -17.57 -9.42
CA ARG F 20 34.76 -16.18 -9.14
C ARG F 20 35.27 -15.29 -10.27
N PHE F 21 34.43 -14.34 -10.68
CA PHE F 21 34.81 -13.34 -11.66
C PHE F 21 35.07 -12.00 -10.98
N ALA F 22 35.76 -11.13 -11.69
CA ALA F 22 36.09 -9.80 -11.19
C ALA F 22 34.97 -8.81 -11.48
N SER F 23 35.00 -7.69 -10.78
CA SER F 23 34.05 -6.62 -11.04
C SER F 23 34.34 -5.98 -12.39
N VAL F 24 33.31 -5.34 -12.96
CA VAL F 24 33.46 -4.79 -14.30
C VAL F 24 34.42 -3.61 -14.30
N TYR F 25 34.42 -2.82 -13.22
CA TYR F 25 35.32 -1.67 -13.17
C TYR F 25 36.76 -2.10 -12.98
N ALA F 26 36.98 -3.24 -12.31
CA ALA F 26 38.32 -3.78 -12.13
C ALA F 26 38.44 -5.11 -12.86
N TRP F 27 38.08 -5.10 -14.15
CA TRP F 27 38.06 -6.34 -14.94
C TRP F 27 39.43 -6.98 -14.98
N ASN F 28 39.45 -8.31 -14.88
CA ASN F 28 40.68 -9.08 -14.94
C ASN F 28 41.05 -9.36 -16.39
N ARG F 29 42.35 -9.32 -16.66
CA ARG F 29 42.89 -9.63 -17.99
C ARG F 29 43.95 -10.71 -17.84
N LYS F 30 43.71 -11.85 -18.49
CA LYS F 30 44.66 -12.96 -18.49
C LYS F 30 45.40 -12.95 -19.82
N ARG F 31 46.72 -12.81 -19.75
CA ARG F 31 47.55 -12.79 -20.95
C ARG F 31 47.83 -14.22 -21.39
N ILE F 32 47.35 -14.58 -22.57
CA ILE F 32 47.49 -15.93 -23.11
C ILE F 32 48.44 -15.86 -24.30
N SER F 33 49.54 -16.59 -24.22
CA SER F 33 50.55 -16.56 -25.26
C SER F 33 51.38 -17.83 -25.19
N ASN F 34 52.02 -18.15 -26.31
CA ASN F 34 52.88 -19.32 -26.46
C ASN F 34 52.13 -20.59 -26.04
N CYS F 35 51.07 -20.90 -26.78
CA CYS F 35 50.27 -22.09 -26.53
C CYS F 35 49.44 -22.36 -27.78
N VAL F 36 48.83 -23.54 -27.81
CA VAL F 36 47.97 -23.94 -28.91
C VAL F 36 46.52 -23.82 -28.43
N ALA F 37 45.76 -22.95 -29.09
CA ALA F 37 44.40 -22.64 -28.66
C ALA F 37 43.41 -23.61 -29.30
N ASP F 38 42.45 -24.06 -28.50
CA ASP F 38 41.38 -24.95 -28.95
C ASP F 38 40.07 -24.18 -28.85
N TYR F 39 39.61 -23.65 -29.98
CA TYR F 39 38.36 -22.90 -30.03
C TYR F 39 37.13 -23.79 -30.24
N SER F 40 37.32 -25.09 -30.47
CA SER F 40 36.19 -25.99 -30.63
C SER F 40 35.48 -26.25 -29.31
N VAL F 41 36.17 -26.10 -28.18
CA VAL F 41 35.53 -26.25 -26.87
C VAL F 41 34.87 -24.96 -26.45
N LEU F 42 35.13 -23.86 -27.15
CA LEU F 42 34.50 -22.57 -26.89
C LEU F 42 33.42 -22.20 -27.89
N TYR F 43 33.20 -23.00 -28.93
CA TYR F 43 32.25 -22.66 -29.98
C TYR F 43 30.83 -22.49 -29.42
N ASN F 44 30.17 -23.60 -29.07
CA ASN F 44 28.86 -23.51 -28.44
C ASN F 44 28.69 -24.74 -27.54
N PHE F 45 29.31 -24.68 -26.36
CA PHE F 45 29.29 -25.76 -25.38
C PHE F 45 28.23 -25.57 -24.30
N ALA F 46 27.28 -24.66 -24.49
CA ALA F 46 26.35 -24.31 -23.43
C ALA F 46 25.12 -23.68 -24.06
N PRO F 47 23.99 -23.61 -23.33
CA PRO F 47 22.76 -23.01 -23.89
C PRO F 47 22.83 -21.49 -24.02
N PHE F 48 23.73 -21.01 -24.87
CA PHE F 48 23.78 -19.58 -25.18
C PHE F 48 24.15 -19.41 -26.65
N PHE F 49 24.18 -18.14 -27.07
CA PHE F 49 24.77 -17.78 -28.36
C PHE F 49 25.45 -16.41 -28.30
N ALA F 50 25.94 -16.02 -27.12
CA ALA F 50 26.70 -14.78 -27.05
C ALA F 50 28.07 -15.05 -27.66
N PHE F 51 28.18 -14.79 -28.97
CA PHE F 51 29.38 -15.15 -29.71
C PHE F 51 29.64 -14.15 -30.81
N LYS F 52 29.24 -12.90 -30.61
CA LYS F 52 29.47 -11.86 -31.60
C LYS F 52 30.97 -11.65 -31.81
N CYS F 53 31.45 -12.02 -32.98
CA CYS F 53 32.85 -11.82 -33.34
C CYS F 53 32.96 -10.63 -34.29
N TYR F 54 33.98 -9.80 -34.07
CA TYR F 54 34.18 -8.59 -34.82
C TYR F 54 35.54 -8.63 -35.49
N GLY F 55 35.58 -8.33 -36.79
CA GLY F 55 36.81 -8.31 -37.53
C GLY F 55 37.39 -9.66 -37.89
N VAL F 56 36.83 -10.75 -37.37
CA VAL F 56 37.36 -12.09 -37.61
C VAL F 56 36.20 -13.07 -37.62
N SER F 57 36.34 -14.13 -38.42
CA SER F 57 35.34 -15.18 -38.53
C SER F 57 35.61 -16.28 -37.50
N PRO F 58 34.56 -16.89 -36.94
CA PRO F 58 34.76 -17.92 -35.91
C PRO F 58 35.44 -19.17 -36.46
N THR F 59 35.00 -19.64 -37.62
CA THR F 59 35.56 -20.84 -38.23
C THR F 59 37.00 -20.66 -38.70
N LYS F 60 37.48 -19.41 -38.78
CA LYS F 60 38.83 -19.13 -39.26
C LYS F 60 39.82 -18.95 -38.12
N LEU F 61 39.39 -19.10 -36.86
CA LEU F 61 40.32 -18.89 -35.75
C LEU F 61 41.34 -20.02 -35.65
N ASN F 62 40.94 -21.25 -35.97
CA ASN F 62 41.86 -22.36 -35.95
C ASN F 62 42.91 -22.26 -37.06
N ASP F 63 42.70 -21.41 -38.05
CA ASP F 63 43.60 -21.26 -39.18
C ASP F 63 44.45 -20.00 -39.10
N LEU F 64 44.43 -19.30 -37.96
CA LEU F 64 45.17 -18.05 -37.80
C LEU F 64 46.09 -18.14 -36.59
N CYS F 65 47.26 -17.54 -36.72
CA CYS F 65 48.21 -17.41 -35.62
C CYS F 65 48.29 -15.96 -35.18
N PHE F 66 48.31 -15.73 -33.87
CA PHE F 66 48.34 -14.40 -33.30
C PHE F 66 49.54 -14.26 -32.37
N THR F 67 50.02 -13.02 -32.23
CA THR F 67 51.13 -12.76 -31.32
C THR F 67 50.70 -12.95 -29.87
N ASN F 68 49.60 -12.31 -29.47
CA ASN F 68 49.06 -12.43 -28.13
C ASN F 68 47.54 -12.46 -28.19
N VAL F 69 46.95 -13.17 -27.23
CA VAL F 69 45.50 -13.24 -27.07
C VAL F 69 45.16 -12.88 -25.64
N TYR F 70 44.34 -11.85 -25.46
CA TYR F 70 43.98 -11.37 -24.14
C TYR F 70 42.55 -11.78 -23.81
N ALA F 71 42.35 -12.29 -22.59
CA ALA F 71 41.05 -12.76 -22.12
C ALA F 71 40.61 -11.87 -20.96
N ASP F 72 39.66 -10.98 -21.22
CA ASP F 72 39.14 -10.07 -20.21
C ASP F 72 37.83 -10.62 -19.66
N SER F 73 37.73 -10.69 -18.33
CA SER F 73 36.58 -11.30 -17.66
C SER F 73 36.03 -10.37 -16.60
N PHE F 74 34.71 -10.31 -16.51
CA PHE F 74 34.01 -9.45 -15.55
C PHE F 74 32.54 -9.87 -15.55
N VAL F 75 31.73 -9.13 -14.78
CA VAL F 75 30.32 -9.47 -14.59
C VAL F 75 29.50 -8.17 -14.66
N ILE F 76 28.44 -8.17 -15.46
CA ILE F 76 27.51 -7.07 -15.58
C ILE F 76 26.09 -7.63 -15.54
N ARG F 77 25.12 -6.74 -15.72
CA ARG F 77 23.72 -7.15 -15.79
C ARG F 77 23.33 -7.45 -17.23
N GLY F 78 22.13 -8.02 -17.40
CA GLY F 78 21.66 -8.36 -18.72
C GLY F 78 21.42 -7.14 -19.60
N ASN F 79 20.93 -6.06 -18.99
CA ASN F 79 20.64 -4.84 -19.75
C ASN F 79 21.89 -4.15 -20.26
N GLU F 80 23.08 -4.58 -19.83
CA GLU F 80 24.32 -3.90 -20.17
C GLU F 80 25.23 -4.73 -21.07
N VAL F 81 24.85 -5.96 -21.40
CA VAL F 81 25.68 -6.79 -22.27
C VAL F 81 25.74 -6.19 -23.67
N SER F 82 24.69 -5.48 -24.09
CA SER F 82 24.66 -4.83 -25.39
C SER F 82 25.70 -3.73 -25.53
N GLN F 83 26.32 -3.30 -24.44
CA GLN F 83 27.35 -2.27 -24.48
C GLN F 83 28.75 -2.83 -24.70
N ILE F 84 28.97 -4.10 -24.39
CA ILE F 84 30.27 -4.74 -24.63
C ILE F 84 30.38 -5.03 -26.12
N ALA F 85 30.56 -3.98 -26.92
CA ALA F 85 30.63 -4.08 -28.37
C ALA F 85 31.33 -2.84 -28.90
N PRO F 86 31.91 -2.90 -30.10
CA PRO F 86 32.58 -1.72 -30.65
C PRO F 86 31.60 -0.58 -30.89
N GLY F 87 32.03 0.63 -30.50
CA GLY F 87 31.24 1.82 -30.73
C GLY F 87 29.95 1.87 -29.94
N GLN F 88 30.02 1.65 -28.63
CA GLN F 88 28.85 1.68 -27.77
C GLN F 88 29.03 2.74 -26.69
N THR F 89 27.89 3.21 -26.17
CA THR F 89 27.87 4.21 -25.11
C THR F 89 27.00 3.73 -23.97
N GLY F 90 27.23 4.29 -22.79
CA GLY F 90 26.53 3.89 -21.59
C GLY F 90 27.44 3.96 -20.38
N ASN F 91 26.90 3.66 -19.19
CA ASN F 91 27.74 3.70 -17.99
C ASN F 91 28.84 2.66 -18.04
N ILE F 92 28.54 1.49 -18.61
CA ILE F 92 29.55 0.44 -18.72
C ILE F 92 30.59 0.81 -19.78
N ALA F 93 30.12 1.16 -20.98
CA ALA F 93 31.05 1.43 -22.08
C ALA F 93 31.90 2.66 -21.82
N ASP F 94 31.34 3.69 -21.20
CA ASP F 94 32.08 4.93 -21.00
C ASP F 94 32.92 4.93 -19.74
N TYR F 95 32.52 4.21 -18.70
CA TYR F 95 33.15 4.32 -17.39
C TYR F 95 33.67 3.01 -16.82
N ASN F 96 33.52 1.89 -17.53
CA ASN F 96 33.94 0.61 -16.98
C ASN F 96 34.82 -0.18 -17.94
N TYR F 97 34.30 -0.49 -19.12
CA TYR F 97 35.04 -1.31 -20.07
C TYR F 97 34.68 -0.85 -21.49
N LYS F 98 35.62 -0.19 -22.16
CA LYS F 98 35.42 0.32 -23.51
C LYS F 98 36.25 -0.49 -24.49
N LEU F 99 35.61 -0.92 -25.57
CA LEU F 99 36.17 -1.61 -26.74
C LEU F 99 36.41 -0.61 -27.86
N PRO F 100 37.51 -0.76 -28.60
CA PRO F 100 37.79 0.17 -29.70
C PRO F 100 36.78 0.01 -30.82
N ASP F 101 36.78 1.00 -31.73
CA ASP F 101 35.87 0.94 -32.86
C ASP F 101 36.32 -0.08 -33.89
N ASP F 102 37.63 -0.30 -34.01
CA ASP F 102 38.19 -1.31 -34.90
C ASP F 102 38.53 -2.59 -34.15
N PHE F 103 37.67 -3.01 -33.23
CA PHE F 103 37.94 -4.17 -32.39
C PHE F 103 37.93 -5.44 -33.23
N THR F 104 38.97 -6.25 -33.06
CA THR F 104 39.09 -7.54 -33.73
C THR F 104 39.11 -8.63 -32.66
N GLY F 105 38.01 -9.37 -32.56
CA GLY F 105 37.90 -10.41 -31.56
C GLY F 105 36.47 -10.87 -31.43
N CYS F 106 36.23 -11.67 -30.37
CA CYS F 106 34.91 -12.19 -30.08
C CYS F 106 34.54 -11.85 -28.64
N VAL F 107 33.24 -11.70 -28.40
CA VAL F 107 32.70 -11.43 -27.08
C VAL F 107 31.79 -12.58 -26.70
N ILE F 108 31.96 -13.11 -25.49
CA ILE F 108 31.20 -14.27 -25.02
C ILE F 108 30.55 -13.91 -23.69
N ALA F 109 29.30 -14.31 -23.53
CA ALA F 109 28.54 -14.03 -22.31
C ALA F 109 27.56 -15.17 -22.07
N TRP F 110 27.26 -15.42 -20.80
CA TRP F 110 26.26 -16.42 -20.45
C TRP F 110 25.61 -16.04 -19.13
N ASN F 111 24.33 -16.38 -19.00
CA ASN F 111 23.57 -16.07 -17.80
C ASN F 111 24.12 -16.86 -16.62
N SER F 112 24.61 -16.16 -15.61
CA SER F 112 25.14 -16.77 -14.40
C SER F 112 24.26 -16.44 -13.19
N ASN F 113 22.95 -16.53 -13.36
CA ASN F 113 22.03 -16.25 -12.27
C ASN F 113 22.14 -17.30 -11.17
N LYS F 114 22.45 -18.54 -11.54
CA LYS F 114 22.60 -19.63 -10.58
C LYS F 114 23.94 -19.60 -9.86
N LEU F 115 24.81 -18.66 -10.19
CA LEU F 115 26.15 -18.60 -9.61
C LEU F 115 26.44 -17.32 -8.84
N ASP F 116 25.98 -16.17 -9.34
CA ASP F 116 26.38 -14.88 -8.79
C ASP F 116 25.25 -14.15 -8.07
N SER F 117 24.14 -14.82 -7.79
CA SER F 117 23.00 -14.17 -7.15
C SER F 117 22.64 -14.92 -5.86
N LYS F 118 22.58 -14.18 -4.76
CA LYS F 118 22.23 -14.72 -3.46
C LYS F 118 20.83 -14.28 -3.07
N VAL F 119 20.25 -14.98 -2.08
CA VAL F 119 18.88 -14.66 -1.66
C VAL F 119 18.83 -13.30 -0.99
N GLY F 120 19.87 -12.92 -0.25
CA GLY F 120 19.91 -11.64 0.41
C GLY F 120 20.55 -10.54 -0.40
N GLY F 121 20.86 -10.80 -1.66
CA GLY F 121 21.50 -9.83 -2.53
C GLY F 121 23.00 -10.00 -2.54
N ASN F 122 23.57 -10.23 -3.73
CA ASN F 122 25.01 -10.39 -3.89
C ASN F 122 25.60 -9.04 -4.27
N TYR F 123 25.87 -8.22 -3.26
CA TYR F 123 26.42 -6.88 -3.46
C TYR F 123 27.93 -6.88 -3.70
N ASN F 124 28.53 -8.06 -3.94
CA ASN F 124 29.97 -8.14 -4.12
C ASN F 124 30.40 -7.53 -5.45
N TYR F 125 29.59 -7.70 -6.50
CA TYR F 125 29.93 -7.17 -7.81
C TYR F 125 29.58 -5.69 -7.88
N LEU F 126 30.51 -4.89 -8.39
CA LEU F 126 30.38 -3.44 -8.42
C LEU F 126 30.46 -2.93 -9.85
N TYR F 127 30.18 -1.64 -10.00
CA TYR F 127 30.36 -0.95 -11.27
C TYR F 127 30.60 0.53 -11.00
N ARG F 128 31.25 1.20 -11.94
CA ARG F 128 31.56 2.61 -11.80
C ARG F 128 30.40 3.45 -12.32
N LEU F 129 29.94 4.37 -11.48
CA LEU F 129 28.83 5.24 -11.83
C LEU F 129 29.26 6.64 -12.24
N PHE F 130 30.28 7.19 -11.60
CA PHE F 130 30.73 8.56 -11.85
C PHE F 130 32.17 8.56 -12.36
N ARG F 131 32.42 9.34 -13.41
CA ARG F 131 33.76 9.57 -13.91
C ARG F 131 33.76 10.86 -14.72
N LYS F 132 34.83 11.63 -14.59
CA LYS F 132 34.88 12.95 -15.23
C LYS F 132 34.94 12.87 -16.74
N SER F 133 35.57 11.83 -17.29
CA SER F 133 35.70 11.67 -18.73
C SER F 133 35.55 10.21 -19.10
N ASN F 134 35.44 9.95 -20.41
CA ASN F 134 35.21 8.60 -20.89
C ASN F 134 36.51 7.79 -20.84
N LEU F 135 36.34 6.47 -20.82
CA LEU F 135 37.48 5.56 -20.82
C LEU F 135 38.01 5.37 -22.22
N LYS F 136 39.34 5.34 -22.34
CA LYS F 136 39.97 4.92 -23.57
C LYS F 136 39.81 3.40 -23.73
N PRO F 137 39.95 2.89 -24.95
CA PRO F 137 39.78 1.44 -25.16
C PRO F 137 40.76 0.64 -24.31
N PHE F 138 40.23 -0.39 -23.64
CA PHE F 138 41.02 -1.29 -22.80
C PHE F 138 41.67 -0.56 -21.62
N GLU F 139 40.98 0.45 -21.08
CA GLU F 139 41.44 1.16 -19.89
C GLU F 139 40.75 0.59 -18.65
N ARG F 140 41.53 0.42 -17.59
CA ARG F 140 41.03 -0.08 -16.31
C ARG F 140 41.26 1.00 -15.26
N ASP F 141 40.17 1.54 -14.72
CA ASP F 141 40.21 2.58 -13.69
C ASP F 141 39.75 1.95 -12.38
N ILE F 142 40.69 1.74 -11.46
CA ILE F 142 40.40 1.17 -10.15
C ILE F 142 40.38 2.24 -9.06
N SER F 143 40.36 3.51 -9.43
CA SER F 143 40.36 4.59 -8.44
C SER F 143 39.05 4.60 -7.66
N THR F 144 39.17 4.91 -6.37
CA THR F 144 38.01 5.03 -5.47
C THR F 144 37.93 6.44 -4.88
N GLU F 145 38.47 7.42 -5.58
CA GLU F 145 38.45 8.79 -5.09
C GLU F 145 37.03 9.35 -5.11
N ILE F 146 36.68 10.11 -4.07
CA ILE F 146 35.35 10.69 -3.96
C ILE F 146 35.12 11.62 -5.13
N TYR F 147 34.06 11.35 -5.91
CA TYR F 147 33.79 12.11 -7.11
C TYR F 147 33.25 13.49 -6.75
N GLN F 148 33.86 14.53 -7.31
CA GLN F 148 33.46 15.91 -7.03
C GLN F 148 32.48 16.36 -8.11
N ALA F 149 31.19 16.38 -7.75
CA ALA F 149 30.15 16.77 -8.69
C ALA F 149 29.79 18.25 -8.60
N GLY F 150 30.34 18.97 -7.63
CA GLY F 150 30.09 20.40 -7.52
C GLY F 150 31.36 21.22 -7.59
N ASN F 151 31.29 22.46 -7.11
CA ASN F 151 32.46 23.33 -7.08
C ASN F 151 33.26 23.21 -5.79
N LYS F 152 32.63 22.80 -4.70
CA LYS F 152 33.32 22.65 -3.43
C LYS F 152 34.14 21.35 -3.43
N PRO F 153 35.40 21.40 -3.02
CA PRO F 153 36.22 20.19 -2.99
C PRO F 153 35.76 19.22 -1.92
N CYS F 154 35.94 17.92 -2.21
CA CYS F 154 35.44 16.87 -1.32
C CYS F 154 36.39 16.62 -0.16
N ASN F 155 37.69 16.46 -0.44
CA ASN F 155 38.69 16.13 0.57
C ASN F 155 38.42 14.76 1.19
N GLY F 156 37.96 13.82 0.37
CA GLY F 156 37.65 12.49 0.84
C GLY F 156 36.47 12.40 1.78
N VAL F 157 35.50 13.30 1.65
CA VAL F 157 34.32 13.34 2.52
C VAL F 157 33.11 13.03 1.66
N ALA F 158 32.55 11.83 1.83
CA ALA F 158 31.37 11.44 1.08
C ALA F 158 30.15 12.18 1.61
N GLY F 159 29.36 12.75 0.69
CA GLY F 159 28.15 13.46 1.07
C GLY F 159 27.43 14.09 -0.11
N PHE F 160 27.10 15.37 0.00
CA PHE F 160 26.43 16.08 -1.08
C PHE F 160 27.46 16.60 -2.07
N ASN F 161 27.17 16.41 -3.36
CA ASN F 161 28.08 16.73 -4.46
C ASN F 161 29.42 16.00 -4.34
N CYS F 162 29.52 15.03 -3.42
CA CYS F 162 30.75 14.28 -3.16
C CYS F 162 30.34 12.82 -2.93
N TYR F 163 30.28 12.05 -4.01
CA TYR F 163 29.75 10.71 -3.98
C TYR F 163 30.84 9.69 -4.27
N PHE F 164 30.68 8.50 -3.70
CA PHE F 164 31.60 7.42 -3.97
C PHE F 164 31.37 6.91 -5.39
N PRO F 165 32.41 6.74 -6.21
CA PRO F 165 32.20 6.46 -7.64
C PRO F 165 31.80 5.04 -7.95
N LEU F 166 31.60 4.17 -6.97
CA LEU F 166 31.28 2.78 -7.21
C LEU F 166 29.95 2.43 -6.55
N ARG F 167 29.15 1.62 -7.25
CA ARG F 167 27.83 1.18 -6.79
C ARG F 167 27.77 -0.34 -6.87
N SER F 168 26.92 -0.92 -6.03
CA SER F 168 26.75 -2.36 -6.00
C SER F 168 25.63 -2.79 -6.94
N TYR F 169 25.69 -4.04 -7.38
CA TYR F 169 24.69 -4.58 -8.29
C TYR F 169 23.50 -5.21 -7.58
N GLY F 170 23.73 -5.85 -6.42
CA GLY F 170 22.66 -6.49 -5.68
C GLY F 170 21.90 -7.52 -6.47
N PHE F 171 22.61 -8.54 -6.98
CA PHE F 171 21.99 -9.55 -7.84
C PHE F 171 21.11 -10.47 -7.00
N ARG F 172 19.81 -10.45 -7.27
CA ARG F 172 18.88 -11.38 -6.66
C ARG F 172 18.37 -12.36 -7.70
N PRO F 173 18.16 -13.64 -7.34
CA PRO F 173 17.76 -14.63 -8.34
C PRO F 173 16.33 -14.45 -8.83
N THR F 174 15.49 -13.71 -8.11
CA THR F 174 14.11 -13.47 -8.53
C THR F 174 13.96 -12.24 -9.40
N TYR F 175 15.05 -11.52 -9.66
CA TYR F 175 14.98 -10.31 -10.47
C TYR F 175 14.58 -10.62 -11.91
N GLY F 176 14.36 -9.57 -12.68
CA GLY F 176 14.13 -9.72 -14.10
C GLY F 176 15.38 -10.15 -14.83
N VAL F 177 15.16 -10.80 -15.99
CA VAL F 177 16.27 -11.29 -16.80
C VAL F 177 17.28 -10.19 -17.09
N GLY F 178 16.80 -8.99 -17.43
CA GLY F 178 17.69 -7.89 -17.73
C GLY F 178 18.53 -7.43 -16.55
N HIS F 179 18.10 -7.72 -15.33
CA HIS F 179 18.83 -7.35 -14.12
C HIS F 179 19.50 -8.55 -13.46
N GLN F 180 19.57 -9.72 -14.16
CA GLN F 180 20.28 -10.89 -13.67
C GLN F 180 21.76 -10.82 -14.07
N PRO F 181 22.65 -11.43 -13.29
CA PRO F 181 24.08 -11.32 -13.58
C PRO F 181 24.48 -12.13 -14.81
N TYR F 182 25.36 -11.53 -15.61
CA TYR F 182 25.93 -12.18 -16.79
C TYR F 182 27.44 -12.09 -16.74
N ARG F 183 28.11 -13.23 -16.91
CA ARG F 183 29.57 -13.28 -16.99
C ARG F 183 30.00 -13.09 -18.43
N VAL F 184 30.92 -12.14 -18.65
CA VAL F 184 31.39 -11.80 -19.99
C VAL F 184 32.88 -12.09 -20.07
N VAL F 185 33.29 -12.67 -21.19
CA VAL F 185 34.70 -12.95 -21.48
C VAL F 185 35.00 -12.39 -22.87
N VAL F 186 35.86 -11.39 -22.93
CA VAL F 186 36.22 -10.73 -24.19
C VAL F 186 37.60 -11.23 -24.61
N LEU F 187 37.67 -11.79 -25.81
CA LEU F 187 38.91 -12.33 -26.36
C LEU F 187 39.44 -11.36 -27.41
N SER F 188 40.60 -10.76 -27.13
CA SER F 188 41.25 -9.84 -28.05
C SER F 188 42.35 -10.57 -28.80
N PHE F 189 42.37 -10.43 -30.12
CA PHE F 189 43.36 -11.09 -30.97
C PHE F 189 44.29 -10.03 -31.53
N GLU F 190 45.55 -10.07 -31.12
CA GLU F 190 46.56 -9.10 -31.52
C GLU F 190 47.55 -9.74 -32.50
N LEU F 191 47.99 -8.95 -33.48
CA LEU F 191 48.97 -9.43 -34.46
C LEU F 191 49.81 -8.24 -34.91
N LEU F 192 50.86 -7.96 -34.16
CA LEU F 192 51.84 -6.93 -34.49
C LEU F 192 53.16 -7.59 -34.87
N HIS F 193 54.15 -6.77 -35.22
CA HIS F 193 55.47 -7.28 -35.57
C HIS F 193 56.07 -8.05 -34.41
N ALA F 194 55.79 -9.36 -34.36
CA ALA F 194 56.26 -10.23 -33.29
C ALA F 194 56.15 -11.66 -33.77
N PRO F 195 56.84 -12.60 -33.13
CA PRO F 195 56.70 -14.01 -33.51
C PRO F 195 55.32 -14.53 -33.12
N ALA F 196 54.60 -15.09 -34.09
CA ALA F 196 53.27 -15.62 -33.84
C ALA F 196 53.38 -16.92 -33.06
N THR F 197 52.75 -16.96 -31.89
CA THR F 197 52.86 -18.11 -30.99
C THR F 197 51.53 -18.75 -30.64
N VAL F 198 50.41 -18.07 -30.82
CA VAL F 198 49.10 -18.60 -30.47
C VAL F 198 48.43 -19.01 -31.79
N CYS F 199 48.56 -20.29 -32.14
CA CYS F 199 47.92 -20.85 -33.31
C CYS F 199 46.83 -21.84 -32.87
N GLY F 200 46.04 -22.28 -33.85
CA GLY F 200 45.00 -23.26 -33.58
C GLY F 200 45.29 -24.62 -34.16
N LYS F 201 44.56 -25.63 -33.71
CA LYS F 201 44.72 -26.98 -34.24
C LYS F 201 43.50 -27.84 -33.88
#